data_3MQY
#
_entry.id   3MQY
#
_cell.length_a   59.163
_cell.length_b   119.980
_cell.length_c   69.857
_cell.angle_alpha   90.00
_cell.angle_beta   102.68
_cell.angle_gamma   90.00
#
_symmetry.space_group_name_H-M   'P 1 21 1'
#
loop_
_entity.id
_entity.type
_entity.pdbx_description
1 polymer 'SgraIR restriction enzyme'
2 polymer "DNA (5'-D(*GP*AP*GP*TP*CP*CP*A)-3')"
3 polymer "DNA (5'-D(P*CP*CP*GP*GP*TP*GP*GP*AP*CP*TP*C)-3')"
4 non-polymer 'MAGNESIUM ION'
5 water water
#
loop_
_entity_poly.entity_id
_entity_poly.type
_entity_poly.pdbx_seq_one_letter_code
_entity_poly.pdbx_strand_id
1 'polypeptide(L)'
;PFTYSIEATRNLATTERCIQDIRNAPVRNRSTQFQLAQQNMLAYTFGEVIPGFASAGINGMDYRDVIGRPVENAVTEGTH
FFRDDFRVDSNAKAKVAGDIFEIVSSAVMWNCAARWNSLMVGEGWRSQPRYSRPTLSPSPRRQVAVLNLPRSFDWVSLLV
PESQEVIEEFRAGLRKDGLGLPTSTPDLAVVVLPEEFQNDEMWREEIAGLTRPNQILLSGAYQRLQGRVQPGEISLAVAF
KRSLRSDRLYQPLYEANVMQLLLEGKLGAPKVEFEVHTLAPEGTNAFVTYEAASLYGLAEGRSAVHRAIRELYVPPTAAD
LARRFFAFLNERMELVNG
;
A,B
2 'polydeoxyribonucleotide' (DG)(DA)(DG)(DT)(DC)(DC)(DA) C,E
3 'polydeoxyribonucleotide' (DC)(DC)(DG)(DG)(DT)(DG)(DG)(DA)(DC)(DT)(DC) D,F
#
loop_
_chem_comp.id
_chem_comp.type
_chem_comp.name
_chem_comp.formula
DA DNA linking 2'-DEOXYADENOSINE-5'-MONOPHOSPHATE 'C10 H14 N5 O6 P'
DC DNA linking 2'-DEOXYCYTIDINE-5'-MONOPHOSPHATE 'C9 H14 N3 O7 P'
DG DNA linking 2'-DEOXYGUANOSINE-5'-MONOPHOSPHATE 'C10 H14 N5 O7 P'
DT DNA linking THYMIDINE-5'-MONOPHOSPHATE 'C10 H15 N2 O8 P'
MG non-polymer 'MAGNESIUM ION' 'Mg 2'
#
# COMPACT_ATOMS: atom_id res chain seq x y z
N PRO A 1 13.67 4.12 31.71
CA PRO A 1 14.75 4.71 30.99
C PRO A 1 15.03 3.95 29.70
N PHE A 2 16.07 4.35 28.97
CA PHE A 2 16.37 3.71 27.70
C PHE A 2 16.83 2.25 27.91
N THR A 3 17.75 2.07 28.84
CA THR A 3 18.00 0.75 29.43
C THR A 3 16.92 0.44 30.46
N TYR A 4 16.29 -0.72 30.31
CA TYR A 4 15.20 -1.14 31.19
C TYR A 4 15.59 -1.16 32.68
N SER A 5 14.73 -0.61 33.55
CA SER A 5 15.02 -0.63 35.02
C SER A 5 13.79 -1.11 35.77
N ILE A 6 13.89 -2.30 36.38
CA ILE A 6 12.77 -2.82 37.21
C ILE A 6 12.31 -1.78 38.25
N GLU A 7 13.28 -1.11 38.85
CA GLU A 7 13.05 -0.07 39.84
C GLU A 7 12.30 1.16 39.28
N ALA A 8 12.78 1.71 38.16
CA ALA A 8 12.02 2.78 37.49
C ALA A 8 10.57 2.34 37.23
N THR A 9 10.40 1.12 36.74
CA THR A 9 9.08 0.60 36.44
C THR A 9 8.25 0.49 37.71
N ARG A 10 8.88 0.02 38.80
N ARG A 10 8.87 0.00 38.80
CA ARG A 10 8.17 -0.13 40.07
CA ARG A 10 8.18 -0.15 40.08
C ARG A 10 7.65 1.22 40.54
C ARG A 10 7.67 1.21 40.56
N ASN A 11 8.45 2.26 40.32
CA ASN A 11 8.01 3.64 40.66
C ASN A 11 6.84 4.24 39.86
N LEU A 12 6.41 3.60 38.76
CA LEU A 12 5.38 4.21 37.88
C LEU A 12 3.94 4.03 38.40
N ALA A 13 3.13 5.08 38.28
CA ALA A 13 1.69 4.96 38.55
C ALA A 13 1.11 3.93 37.59
N THR A 14 0.09 3.23 38.03
CA THR A 14 -0.59 2.24 37.19
C THR A 14 -0.94 2.80 35.77
N THR A 15 -1.34 4.04 35.72
CA THR A 15 -1.73 4.72 34.47
C THR A 15 -0.52 5.12 33.56
N GLU A 16 0.68 5.02 34.09
CA GLU A 16 1.90 5.36 33.38
C GLU A 16 2.56 4.08 32.87
N ARG A 17 2.09 2.92 33.32
CA ARG A 17 2.73 1.68 32.90
C ARG A 17 2.60 1.46 31.35
N CYS A 18 3.66 0.88 30.80
CA CYS A 18 3.79 0.52 29.39
C CYS A 18 2.81 -0.54 28.91
N ILE A 19 2.41 -1.44 29.82
CA ILE A 19 1.37 -2.41 29.55
C ILE A 19 0.14 -2.06 30.39
N GLN A 20 -1.01 -2.03 29.75
CA GLN A 20 -2.30 -1.75 30.38
C GLN A 20 -3.14 -3.00 30.22
N ASP A 21 -3.48 -3.60 31.37
CA ASP A 21 -4.24 -4.84 31.46
C ASP A 21 -5.67 -4.45 31.22
N ILE A 22 -6.31 -5.02 30.19
CA ILE A 22 -7.73 -4.69 29.94
C ILE A 22 -8.62 -5.92 29.96
N ARG A 23 -8.18 -6.97 30.65
CA ARG A 23 -8.94 -8.22 30.68
C ARG A 23 -10.29 -8.04 31.33
N ASN A 24 -10.36 -7.18 32.34
CA ASN A 24 -11.64 -6.81 32.91
C ASN A 24 -12.28 -5.56 32.29
N ALA A 25 -11.73 -5.04 31.19
CA ALA A 25 -12.28 -3.84 30.59
C ALA A 25 -12.16 -3.90 29.05
N PRO A 26 -12.63 -5.02 28.46
CA PRO A 26 -12.43 -5.33 27.03
C PRO A 26 -12.92 -4.24 26.07
N VAL A 27 -12.35 -4.21 24.87
CA VAL A 27 -12.82 -3.32 23.82
C VAL A 27 -13.91 -4.06 23.04
N ARG A 28 -15.10 -3.47 22.93
CA ARG A 28 -16.20 -4.12 22.21
C ARG A 28 -15.69 -4.63 20.85
N ASN A 29 -15.96 -5.91 20.58
CA ASN A 29 -15.58 -6.58 19.34
C ASN A 29 -14.07 -6.81 19.20
N ARG A 30 -13.32 -6.76 20.29
CA ARG A 30 -11.90 -7.12 20.21
C ARG A 30 -11.58 -8.15 21.25
N SER A 31 -10.65 -9.01 20.92
CA SER A 31 -10.21 -10.01 21.84
C SER A 31 -8.97 -9.55 22.64
N THR A 32 -8.59 -8.26 22.49
CA THR A 32 -7.37 -7.71 23.14
C THR A 32 -7.43 -7.89 24.67
N GLN A 33 -6.38 -8.44 25.22
CA GLN A 33 -6.22 -8.69 26.67
C GLN A 33 -5.29 -7.66 27.36
N PHE A 34 -4.19 -7.33 26.69
CA PHE A 34 -3.26 -6.30 27.08
C PHE A 34 -2.96 -5.28 25.92
N GLN A 35 -2.93 -4.01 26.28
CA GLN A 35 -2.63 -2.88 25.40
C GLN A 35 -1.19 -2.42 25.50
N LEU A 36 -0.58 -2.14 24.34
CA LEU A 36 0.71 -1.54 24.32
C LEU A 36 0.51 -0.03 24.42
N ALA A 37 0.97 0.56 25.54
CA ALA A 37 0.69 1.95 25.87
C ALA A 37 1.72 2.87 25.22
N GLN A 38 1.49 3.11 23.93
CA GLN A 38 2.50 3.76 23.10
C GLN A 38 3.12 4.99 23.73
N GLN A 39 2.31 5.90 24.21
CA GLN A 39 2.77 7.19 24.76
C GLN A 39 3.51 7.02 26.05
N ASN A 40 3.09 6.06 26.89
CA ASN A 40 3.83 5.75 28.11
C ASN A 40 5.14 5.14 27.75
N MET A 41 5.18 4.37 26.63
CA MET A 41 6.40 3.71 26.21
C MET A 41 7.46 4.70 25.76
N LEU A 42 7.03 5.69 24.99
CA LEU A 42 7.97 6.72 24.55
C LEU A 42 8.46 7.51 25.81
N ALA A 43 7.54 7.78 26.72
CA ALA A 43 7.93 8.55 27.92
C ALA A 43 8.97 7.79 28.73
N TYR A 44 8.81 6.50 28.86
CA TYR A 44 9.73 5.67 29.66
C TYR A 44 11.11 5.51 29.03
N THR A 45 11.12 4.95 27.82
CA THR A 45 12.33 4.67 27.07
C THR A 45 13.04 5.95 26.63
N PHE A 46 12.28 6.93 26.15
CA PHE A 46 12.90 8.17 25.59
C PHE A 46 12.65 9.45 26.37
N GLY A 47 12.20 9.31 27.63
CA GLY A 47 11.84 10.51 28.44
C GLY A 47 13.05 11.42 28.69
N GLU A 48 14.24 10.86 28.66
CA GLU A 48 15.46 11.67 28.82
C GLU A 48 16.46 11.51 27.71
N VAL A 49 16.06 10.94 26.57
CA VAL A 49 17.01 10.69 25.48
C VAL A 49 16.33 10.96 24.13
N ILE A 50 16.85 11.92 23.37
CA ILE A 50 16.60 12.00 21.90
C ILE A 50 17.87 11.45 21.17
N PRO A 51 17.76 10.31 20.47
CA PRO A 51 18.92 9.72 19.86
C PRO A 51 19.55 10.63 18.81
N GLY A 52 20.88 10.59 18.72
CA GLY A 52 21.66 11.60 17.98
C GLY A 52 22.04 12.88 18.73
N PHE A 53 21.39 13.12 19.85
CA PHE A 53 21.63 14.28 20.71
C PHE A 53 21.85 13.79 22.14
N ALA A 54 22.14 12.51 22.31
CA ALA A 54 22.31 11.88 23.63
C ALA A 54 23.77 11.39 23.76
N SER A 55 24.01 10.41 24.62
CA SER A 55 25.31 9.76 24.76
C SER A 55 25.86 9.16 23.46
N ALA A 56 27.22 9.04 23.40
CA ALA A 56 27.88 8.64 22.15
C ALA A 56 27.47 7.21 21.77
N GLY A 57 27.22 6.38 22.80
CA GLY A 57 26.74 5.06 22.58
C GLY A 57 25.34 4.95 21.98
N ILE A 58 24.42 5.85 22.34
CA ILE A 58 23.07 5.76 21.81
C ILE A 58 23.16 6.36 20.39
N ASN A 59 23.85 7.47 20.25
CA ASN A 59 23.97 8.17 18.94
C ASN A 59 24.44 7.29 17.81
N GLY A 60 25.41 6.41 18.11
CA GLY A 60 26.02 5.50 17.17
C GLY A 60 25.65 4.00 17.17
N MET A 61 24.69 3.58 17.98
CA MET A 61 24.23 2.18 17.86
C MET A 61 23.26 2.05 16.69
N ASP A 62 23.04 0.80 16.29
CA ASP A 62 22.28 0.46 15.15
C ASP A 62 20.89 1.05 15.41
N TYR A 63 20.44 1.91 14.52
CA TYR A 63 19.18 2.59 14.72
C TYR A 63 17.99 1.62 14.85
N ARG A 64 18.07 0.44 14.25
N ARG A 64 18.10 0.43 14.26
CA ARG A 64 16.98 -0.51 14.36
CA ARG A 64 17.04 -0.59 14.32
C ARG A 64 16.82 -0.94 15.85
C ARG A 64 16.85 -1.06 15.80
N ASP A 65 17.92 -1.02 16.57
CA ASP A 65 17.85 -1.45 17.98
C ASP A 65 17.37 -0.29 18.78
N VAL A 66 17.55 0.93 18.26
CA VAL A 66 17.12 2.10 18.99
C VAL A 66 15.59 2.18 18.93
N ILE A 67 15.08 2.01 17.73
CA ILE A 67 13.66 2.05 17.50
C ILE A 67 12.89 0.85 18.06
N GLY A 68 13.47 -0.31 18.02
CA GLY A 68 12.92 -1.55 18.71
C GLY A 68 12.95 -1.62 20.26
N ARG A 69 13.59 -0.65 20.87
CA ARG A 69 13.75 -0.60 22.34
C ARG A 69 12.44 -0.39 23.14
N PRO A 70 11.62 0.55 22.74
CA PRO A 70 10.36 0.62 23.44
C PRO A 70 9.47 -0.65 23.47
N VAL A 71 9.29 -1.33 22.33
CA VAL A 71 8.53 -2.56 22.34
C VAL A 71 9.22 -3.61 23.22
N GLU A 72 10.56 -3.67 23.18
CA GLU A 72 11.30 -4.64 23.96
C GLU A 72 11.21 -4.34 25.48
N ASN A 73 11.32 -3.07 25.87
CA ASN A 73 11.05 -2.67 27.24
C ASN A 73 9.59 -3.03 27.67
N ALA A 74 8.62 -2.74 26.81
CA ALA A 74 7.21 -3.11 27.08
C ALA A 74 6.99 -4.63 27.32
N VAL A 75 7.63 -5.46 26.50
CA VAL A 75 7.49 -6.91 26.61
C VAL A 75 8.17 -7.42 27.93
N THR A 76 9.25 -6.76 28.34
CA THR A 76 9.96 -7.13 29.55
C THR A 76 9.09 -6.74 30.75
N GLU A 77 8.51 -5.54 30.72
CA GLU A 77 7.53 -5.14 31.73
C GLU A 77 6.35 -6.11 31.80
N GLY A 78 5.79 -6.43 30.66
CA GLY A 78 4.64 -7.37 30.64
C GLY A 78 4.93 -8.78 31.16
N THR A 79 6.05 -9.33 30.75
CA THR A 79 6.47 -10.66 31.11
C THR A 79 6.72 -10.72 32.62
N HIS A 80 7.35 -9.68 33.15
CA HIS A 80 7.62 -9.58 34.58
C HIS A 80 6.36 -9.61 35.42
N PHE A 81 5.43 -8.69 35.15
N PHE A 81 5.44 -8.68 35.14
CA PHE A 81 4.22 -8.57 35.97
CA PHE A 81 4.19 -8.48 35.90
C PHE A 81 3.18 -9.66 35.74
C PHE A 81 3.19 -9.62 35.72
N PHE A 82 3.05 -10.15 34.50
CA PHE A 82 2.00 -11.13 34.19
C PHE A 82 2.44 -12.52 33.79
N ARG A 83 3.74 -12.73 33.58
CA ARG A 83 4.28 -14.03 33.24
C ARG A 83 3.58 -14.67 32.02
N ASP A 84 3.03 -15.88 32.16
CA ASP A 84 2.55 -16.64 31.00
C ASP A 84 1.14 -16.22 30.60
N ASP A 85 0.51 -15.33 31.35
CA ASP A 85 -0.76 -14.77 30.92
C ASP A 85 -0.52 -13.58 29.91
N PHE A 86 0.67 -13.00 29.92
CA PHE A 86 1.01 -11.87 29.03
C PHE A 86 0.95 -12.29 27.52
N ARG A 87 -0.05 -11.79 26.80
CA ARG A 87 -0.19 -12.05 25.37
C ARG A 87 -0.52 -10.77 24.62
N VAL A 88 0.19 -10.52 23.51
CA VAL A 88 -0.21 -9.40 22.60
C VAL A 88 0.02 -9.74 21.11
N ASP A 89 -0.93 -9.40 20.26
CA ASP A 89 -0.88 -9.83 18.83
C ASP A 89 0.38 -9.22 18.14
N SER A 90 1.01 -9.91 17.23
CA SER A 90 2.01 -9.23 16.38
C SER A 90 1.48 -7.91 15.74
N ASN A 91 0.17 -7.82 15.45
CA ASN A 91 -0.38 -6.59 14.86
C ASN A 91 -0.37 -5.41 15.80
N ALA A 92 -0.41 -5.68 17.13
CA ALA A 92 -0.19 -4.63 18.07
C ALA A 92 1.26 -4.15 18.04
N LYS A 93 2.25 -5.04 17.98
CA LYS A 93 3.62 -4.63 17.95
C LYS A 93 3.94 -3.88 16.56
N ALA A 94 3.29 -4.28 15.50
CA ALA A 94 3.47 -3.67 14.11
C ALA A 94 3.06 -2.25 14.10
N LYS A 95 1.80 -1.99 14.50
CA LYS A 95 1.24 -0.65 14.68
C LYS A 95 2.11 0.32 15.52
N VAL A 96 2.46 -0.13 16.73
CA VAL A 96 3.14 0.74 17.59
C VAL A 96 4.57 1.01 17.16
N ALA A 97 5.28 0.03 16.56
CA ALA A 97 6.68 0.12 16.13
C ALA A 97 6.70 1.09 14.95
N GLY A 98 5.61 1.12 14.20
CA GLY A 98 5.53 2.08 13.00
C GLY A 98 5.42 3.49 13.56
N ASP A 99 4.62 3.67 14.63
CA ASP A 99 4.47 4.97 15.20
C ASP A 99 5.75 5.40 15.98
N ILE A 100 6.39 4.48 16.71
CA ILE A 100 7.70 4.77 17.26
C ILE A 100 8.75 5.25 16.19
N PHE A 101 8.86 4.56 15.10
CA PHE A 101 9.85 4.90 14.07
C PHE A 101 9.58 6.32 13.55
N GLU A 102 8.32 6.63 13.32
CA GLU A 102 7.88 7.96 12.93
C GLU A 102 8.13 9.09 13.98
N ILE A 103 7.78 8.83 15.27
CA ILE A 103 7.84 9.86 16.24
C ILE A 103 9.31 10.13 16.59
N VAL A 104 10.09 9.08 16.82
CA VAL A 104 11.51 9.26 17.23
C VAL A 104 12.26 9.91 16.06
N SER A 105 12.06 9.42 14.86
CA SER A 105 12.75 10.09 13.70
C SER A 105 12.42 11.53 13.60
N SER A 106 11.12 11.86 13.62
CA SER A 106 10.67 13.25 13.70
C SER A 106 11.29 14.05 14.82
N ALA A 107 11.46 13.48 16.04
CA ALA A 107 12.05 14.19 17.08
C ALA A 107 13.53 14.52 16.82
N VAL A 108 14.27 13.59 16.20
CA VAL A 108 15.65 13.77 15.87
C VAL A 108 15.73 14.94 14.86
N MET A 109 14.80 14.95 13.93
CA MET A 109 14.74 16.05 12.96
C MET A 109 14.30 17.39 13.63
N TRP A 110 13.61 17.34 14.79
CA TRP A 110 13.16 18.57 15.44
C TRP A 110 14.36 19.29 16.09
N ASN A 111 15.16 18.52 16.83
CA ASN A 111 16.42 18.98 17.36
C ASN A 111 17.43 19.47 16.32
N CYS A 112 17.46 18.85 15.16
CA CYS A 112 18.28 19.31 14.07
C CYS A 112 17.84 20.68 13.62
N ALA A 113 16.52 20.80 13.34
CA ALA A 113 15.88 22.08 13.10
C ALA A 113 16.23 23.18 14.12
N ALA A 114 16.18 22.88 15.42
CA ALA A 114 16.44 23.80 16.46
C ALA A 114 17.90 24.29 16.43
N ARG A 115 18.85 23.36 16.32
CA ARG A 115 20.27 23.67 16.17
C ARG A 115 20.50 24.46 14.86
N TRP A 116 19.82 24.10 13.78
CA TRP A 116 20.01 24.85 12.54
C TRP A 116 19.57 26.27 12.84
N ASN A 117 18.39 26.41 13.48
CA ASN A 117 17.77 27.70 13.62
C ASN A 117 18.58 28.63 14.55
N SER A 118 19.03 28.14 15.69
CA SER A 118 20.01 28.83 16.48
C SER A 118 21.17 29.43 15.67
N LEU A 119 21.61 28.76 14.60
CA LEU A 119 22.79 29.21 13.85
C LEU A 119 22.33 30.24 12.89
N MET A 120 21.11 30.05 12.40
CA MET A 120 20.55 30.99 11.43
C MET A 120 20.34 32.39 11.99
N VAL A 121 20.10 32.51 13.29
CA VAL A 121 19.81 33.77 13.93
C VAL A 121 21.09 34.35 14.58
N GLY A 122 22.22 33.68 14.44
CA GLY A 122 23.47 34.27 14.87
C GLY A 122 23.91 33.79 16.22
N GLU A 123 23.33 32.74 16.77
CA GLU A 123 23.76 32.27 18.08
C GLU A 123 24.91 31.24 18.09
N GLY A 124 25.62 31.09 16.98
CA GLY A 124 26.64 30.04 16.91
C GLY A 124 26.10 28.60 16.78
N TRP A 125 27.03 27.65 16.97
CA TRP A 125 26.83 26.23 16.65
C TRP A 125 27.02 25.39 17.90
N ARG A 126 25.94 24.83 18.43
CA ARG A 126 26.02 24.02 19.62
C ARG A 126 26.99 22.91 19.32
N SER A 127 27.79 22.56 20.31
CA SER A 127 28.95 21.71 20.08
C SER A 127 28.81 20.32 20.67
N GLN A 128 27.87 20.08 21.60
CA GLN A 128 27.63 18.74 22.12
C GLN A 128 26.21 18.21 21.72
N PRO A 129 26.13 16.98 21.15
CA PRO A 129 27.32 16.28 20.60
C PRO A 129 27.80 17.05 19.36
N ARG A 130 28.98 16.69 18.85
CA ARG A 130 29.63 17.46 17.77
C ARG A 130 29.19 16.99 16.41
N TYR A 131 28.68 17.91 15.61
CA TYR A 131 28.32 17.67 14.23
C TYR A 131 29.05 18.70 13.38
N SER A 132 29.30 18.37 12.13
CA SER A 132 30.02 19.30 11.28
C SER A 132 29.28 20.64 11.16
N ARG A 133 29.94 21.73 11.49
CA ARG A 133 29.30 23.03 11.36
C ARG A 133 28.92 23.32 9.90
N PRO A 134 27.66 23.72 9.66
CA PRO A 134 27.18 24.09 8.30
C PRO A 134 27.96 25.23 7.68
N THR A 135 27.93 25.34 6.36
CA THR A 135 28.75 26.33 5.65
C THR A 135 27.96 27.44 5.02
N LEU A 136 26.69 27.19 4.70
CA LEU A 136 25.79 28.19 4.15
C LEU A 136 25.71 29.33 5.12
N SER A 137 25.63 30.56 4.59
CA SER A 137 25.70 31.76 5.44
C SER A 137 24.37 32.03 6.16
N PRO A 138 24.46 32.28 7.48
CA PRO A 138 23.31 32.36 8.36
C PRO A 138 22.36 33.47 7.97
N SER A 139 21.07 33.24 8.17
CA SER A 139 20.04 34.25 7.98
C SER A 139 18.72 33.76 8.59
N PRO A 140 18.07 34.60 9.43
CA PRO A 140 16.80 34.23 9.99
C PRO A 140 15.75 33.75 9.01
N ARG A 141 15.82 34.23 7.77
CA ARG A 141 14.92 33.83 6.66
C ARG A 141 15.12 32.40 6.10
N ARG A 142 16.16 31.72 6.59
CA ARG A 142 16.51 30.33 6.27
C ARG A 142 16.27 29.35 7.48
N GLN A 143 15.44 29.76 8.46
CA GLN A 143 15.02 28.83 9.48
C GLN A 143 13.89 27.97 8.88
N VAL A 144 13.60 26.86 9.56
CA VAL A 144 12.67 25.84 9.04
C VAL A 144 11.94 25.27 10.25
N ALA A 145 10.74 24.73 9.96
CA ALA A 145 9.90 24.05 10.94
C ALA A 145 9.79 22.59 10.52
N VAL A 146 9.97 21.71 11.49
CA VAL A 146 9.76 20.32 11.28
C VAL A 146 8.39 19.87 11.79
N LEU A 147 7.60 19.32 10.86
CA LEU A 147 6.19 19.03 11.07
C LEU A 147 5.83 17.52 10.91
N ASN A 148 5.74 16.87 12.07
CA ASN A 148 5.21 15.57 12.11
C ASN A 148 3.70 15.76 11.89
N LEU A 149 3.21 15.11 10.84
CA LEU A 149 1.86 15.38 10.34
C LEU A 149 0.95 14.36 10.92
N PRO A 150 -0.31 14.75 11.21
CA PRO A 150 -1.23 13.82 11.89
C PRO A 150 -1.66 12.70 10.98
N ARG A 151 -2.17 11.67 11.61
CA ARG A 151 -2.47 10.41 10.97
C ARG A 151 -3.34 10.60 9.78
N SER A 152 -4.44 11.38 9.98
CA SER A 152 -5.35 11.80 8.96
C SER A 152 -5.03 13.26 8.67
N PHE A 153 -4.70 13.63 7.43
CA PHE A 153 -4.32 15.03 7.18
C PHE A 153 -4.39 15.28 5.70
N ASP A 154 -4.54 16.52 5.33
CA ASP A 154 -4.45 16.92 3.88
C ASP A 154 -3.44 18.03 3.83
N TRP A 155 -2.29 17.74 3.25
CA TRP A 155 -1.17 18.69 3.16
C TRP A 155 -1.51 20.05 2.52
N VAL A 156 -2.62 20.12 1.79
CA VAL A 156 -3.00 21.34 1.13
C VAL A 156 -3.38 22.39 2.15
N SER A 157 -3.72 21.95 3.38
CA SER A 157 -4.09 22.86 4.41
C SER A 157 -2.91 23.61 4.98
N LEU A 158 -1.70 23.18 4.68
CA LEU A 158 -0.53 23.98 5.02
C LEU A 158 -0.42 25.25 4.20
N LEU A 159 -0.99 25.24 3.00
CA LEU A 159 -0.73 26.33 2.05
C LEU A 159 -1.41 27.68 2.41
N VAL A 160 -0.76 28.83 2.10
CA VAL A 160 -1.47 30.14 2.16
C VAL A 160 -2.83 30.06 1.42
N PRO A 161 -3.83 30.84 1.87
CA PRO A 161 -5.15 30.66 1.30
C PRO A 161 -5.27 30.94 -0.20
N GLU A 162 -4.41 31.78 -0.76
CA GLU A 162 -4.51 32.10 -2.22
C GLU A 162 -4.09 30.86 -3.03
N SER A 163 -3.16 30.09 -2.46
CA SER A 163 -2.77 28.85 -3.08
C SER A 163 -3.84 27.80 -3.00
N GLN A 164 -4.45 27.64 -1.83
CA GLN A 164 -5.56 26.70 -1.68
C GLN A 164 -6.62 27.07 -2.68
N GLU A 165 -6.83 28.36 -2.87
CA GLU A 165 -7.79 28.82 -3.88
C GLU A 165 -7.47 28.28 -5.27
N VAL A 166 -6.22 28.31 -5.70
CA VAL A 166 -5.88 27.79 -7.07
C VAL A 166 -6.23 26.29 -7.25
N ILE A 167 -5.83 25.50 -6.24
CA ILE A 167 -6.09 24.05 -6.23
C ILE A 167 -7.57 23.80 -6.28
N GLU A 168 -8.35 24.60 -5.56
CA GLU A 168 -9.78 24.36 -5.47
C GLU A 168 -10.54 24.76 -6.76
N GLU A 169 -10.09 25.79 -7.47
CA GLU A 169 -10.71 26.10 -8.77
C GLU A 169 -10.45 25.00 -9.82
N PHE A 170 -9.21 24.52 -9.87
CA PHE A 170 -8.84 23.38 -10.67
C PHE A 170 -9.67 22.14 -10.34
N ARG A 171 -9.89 21.84 -9.06
CA ARG A 171 -10.76 20.69 -8.68
C ARG A 171 -12.22 20.91 -9.01
N ALA A 172 -12.69 22.15 -8.84
CA ALA A 172 -14.06 22.50 -9.21
C ALA A 172 -14.31 22.20 -10.69
N GLY A 173 -13.37 22.58 -11.56
CA GLY A 173 -13.42 22.18 -12.98
C GLY A 173 -13.48 20.66 -13.17
N LEU A 174 -12.59 19.94 -12.50
CA LEU A 174 -12.60 18.49 -12.57
C LEU A 174 -13.94 17.88 -12.12
N ARG A 175 -14.58 18.42 -11.09
CA ARG A 175 -15.90 17.88 -10.70
C ARG A 175 -16.97 17.95 -11.79
N LYS A 176 -16.99 19.01 -12.59
CA LYS A 176 -17.99 19.13 -13.68
C LYS A 176 -17.96 17.85 -14.50
N ASP A 177 -16.75 17.39 -14.80
CA ASP A 177 -16.55 16.17 -15.57
C ASP A 177 -16.57 14.85 -14.77
N GLY A 178 -17.06 14.90 -13.54
CA GLY A 178 -17.09 13.73 -12.64
C GLY A 178 -15.71 13.14 -12.36
N LEU A 179 -14.71 13.98 -12.11
CA LEU A 179 -13.39 13.55 -11.69
C LEU A 179 -13.03 14.31 -10.38
N GLY A 180 -12.02 13.83 -9.67
CA GLY A 180 -11.48 14.55 -8.53
C GLY A 180 -9.98 14.45 -8.58
N LEU A 181 -9.29 15.19 -7.74
CA LEU A 181 -7.89 14.88 -7.44
C LEU A 181 -7.63 15.06 -5.91
N PRO A 182 -7.97 14.05 -5.10
CA PRO A 182 -7.70 14.14 -3.69
C PRO A 182 -6.21 14.18 -3.30
N THR A 183 -5.91 14.92 -2.23
CA THR A 183 -4.60 14.96 -1.63
C THR A 183 -4.73 14.30 -0.23
N SER A 184 -3.73 13.52 0.16
CA SER A 184 -3.61 13.06 1.56
C SER A 184 -2.40 13.73 2.21
N THR A 185 -1.37 12.94 2.55
CA THR A 185 -0.28 13.44 3.32
C THR A 185 0.97 12.54 3.32
N PRO A 186 2.18 13.17 3.31
CA PRO A 186 3.35 12.43 3.72
C PRO A 186 3.33 12.37 5.27
N ASP A 187 4.30 11.71 5.89
CA ASP A 187 4.27 11.56 7.38
C ASP A 187 4.80 12.85 8.04
N LEU A 188 5.72 13.56 7.35
CA LEU A 188 6.48 14.67 7.85
C LEU A 188 6.75 15.69 6.69
N ALA A 189 6.65 16.99 6.96
CA ALA A 189 7.04 18.06 6.03
C ALA A 189 8.00 18.97 6.77
N VAL A 190 9.04 19.41 6.09
CA VAL A 190 9.89 20.45 6.60
C VAL A 190 9.52 21.64 5.77
N VAL A 191 9.19 22.72 6.45
CA VAL A 191 8.81 23.93 5.75
C VAL A 191 9.73 25.08 6.21
N VAL A 192 9.95 26.06 5.33
CA VAL A 192 10.56 27.34 5.72
C VAL A 192 9.76 28.03 6.82
N LEU A 193 10.42 28.50 7.88
CA LEU A 193 9.69 29.14 9.01
C LEU A 193 9.14 30.45 8.57
N PRO A 194 7.80 30.69 8.75
CA PRO A 194 7.22 31.95 8.26
C PRO A 194 7.77 33.17 8.97
N GLU A 195 7.90 34.26 8.21
CA GLU A 195 8.43 35.55 8.72
C GLU A 195 7.97 35.92 10.13
N GLU A 196 6.65 35.88 10.33
CA GLU A 196 6.03 36.10 11.66
C GLU A 196 6.61 35.31 12.83
N PHE A 197 7.15 34.13 12.56
CA PHE A 197 7.73 33.32 13.62
C PHE A 197 9.23 33.42 13.72
N GLN A 198 9.86 34.12 12.79
CA GLN A 198 11.33 34.12 12.71
C GLN A 198 12.13 34.78 13.85
N ASN A 199 11.49 35.46 14.80
CA ASN A 199 12.21 35.73 16.06
C ASN A 199 11.62 35.03 17.31
N ASP A 200 10.91 33.91 17.09
CA ASP A 200 10.39 33.10 18.23
C ASP A 200 11.28 31.96 18.73
N GLU A 201 11.58 31.96 20.02
CA GLU A 201 12.53 31.02 20.60
C GLU A 201 12.14 29.54 20.54
N MET A 202 10.84 29.24 20.54
CA MET A 202 10.41 27.83 20.52
C MET A 202 10.97 27.03 19.38
N TRP A 203 11.23 27.68 18.23
CA TRP A 203 11.76 27.00 17.09
C TRP A 203 13.29 26.76 17.11
N ARG A 204 13.97 27.23 18.15
CA ARG A 204 15.40 27.04 18.39
C ARG A 204 15.72 26.25 19.67
N GLU A 205 14.73 25.81 20.44
CA GLU A 205 14.98 24.99 21.66
C GLU A 205 14.96 23.50 21.35
N GLU A 206 16.06 22.84 21.68
CA GLU A 206 16.14 21.41 21.55
C GLU A 206 15.40 20.83 22.73
N ILE A 207 14.68 19.71 22.51
CA ILE A 207 14.03 18.98 23.60
C ILE A 207 14.96 17.95 24.23
N ALA A 208 14.75 17.70 25.51
CA ALA A 208 15.60 16.78 26.29
C ALA A 208 15.12 15.35 26.17
N GLY A 209 13.85 15.13 25.84
CA GLY A 209 13.35 13.80 25.60
C GLY A 209 11.87 13.86 25.25
N LEU A 210 11.28 12.71 24.92
CA LEU A 210 9.84 12.54 24.59
C LEU A 210 8.89 12.28 25.79
N THR A 211 8.97 13.18 26.75
CA THR A 211 8.04 13.27 27.80
C THR A 211 6.70 13.61 27.16
N ARG A 212 5.64 13.36 27.90
CA ARG A 212 4.31 13.67 27.30
C ARG A 212 4.13 15.07 26.73
N PRO A 213 4.52 16.11 27.50
CA PRO A 213 4.51 17.48 27.02
C PRO A 213 5.24 17.78 25.70
N ASN A 214 6.44 17.21 25.55
CA ASN A 214 7.24 17.37 24.35
C ASN A 214 6.61 16.53 23.21
N GLN A 215 6.12 15.36 23.53
CA GLN A 215 5.31 14.61 22.54
C GLN A 215 4.20 15.48 21.93
N ILE A 216 3.48 16.26 22.78
CA ILE A 216 2.34 17.06 22.33
C ILE A 216 2.78 18.28 21.47
N LEU A 217 3.90 18.90 21.89
CA LEU A 217 4.47 20.02 21.28
C LEU A 217 4.90 19.68 19.87
N LEU A 218 5.66 18.60 19.72
CA LEU A 218 6.03 18.10 18.39
C LEU A 218 4.78 17.73 17.59
N SER A 219 3.90 16.98 18.19
CA SER A 219 2.72 16.48 17.34
C SER A 219 1.70 17.55 17.00
N GLY A 220 1.75 18.69 17.73
CA GLY A 220 0.84 19.83 17.55
C GLY A 220 1.37 20.95 16.62
N ALA A 221 2.66 20.94 16.36
CA ALA A 221 3.33 22.02 15.65
C ALA A 221 2.75 22.36 14.29
N TYR A 222 2.22 21.39 13.58
CA TYR A 222 1.69 21.63 12.22
C TYR A 222 0.53 22.66 12.31
N GLN A 223 -0.17 22.71 13.44
CA GLN A 223 -1.33 23.60 13.57
C GLN A 223 -0.93 25.06 13.52
N ARG A 224 0.29 25.35 14.00
CA ARG A 224 0.74 26.71 14.08
C ARG A 224 1.13 27.22 12.68
N LEU A 225 1.27 26.33 11.71
CA LEU A 225 1.76 26.67 10.32
C LEU A 225 0.65 26.52 9.29
N GLN A 226 -0.48 26.00 9.68
CA GLN A 226 -1.58 25.88 8.72
C GLN A 226 -1.99 27.22 8.20
N GLY A 227 -2.24 27.27 6.90
CA GLY A 227 -2.54 28.50 6.22
C GLY A 227 -1.36 29.44 6.05
N ARG A 228 -0.11 29.05 6.35
CA ARG A 228 1.05 30.02 6.29
C ARG A 228 2.22 29.72 5.31
N VAL A 229 2.16 28.58 4.62
CA VAL A 229 3.33 28.15 3.91
C VAL A 229 3.11 28.47 2.39
N GLN A 230 4.07 29.14 1.76
CA GLN A 230 4.08 29.36 0.29
C GLN A 230 4.43 28.01 -0.42
N PRO A 231 3.91 27.78 -1.63
CA PRO A 231 4.15 26.51 -2.34
C PRO A 231 5.61 26.10 -2.48
N GLY A 232 6.51 27.05 -2.72
CA GLY A 232 7.93 26.74 -2.76
C GLY A 232 8.59 26.58 -1.40
N GLU A 233 7.86 26.85 -0.31
CA GLU A 233 8.42 26.70 1.05
C GLU A 233 8.21 25.33 1.73
N ILE A 234 7.54 24.40 1.05
CA ILE A 234 7.54 22.99 1.47
C ILE A 234 8.87 22.37 1.02
N SER A 235 9.90 22.37 1.89
CA SER A 235 11.27 21.96 1.44
C SER A 235 11.60 20.45 1.30
N LEU A 236 10.98 19.61 2.14
CA LEU A 236 11.15 18.19 2.06
C LEU A 236 9.93 17.51 2.62
N ALA A 237 9.54 16.38 2.02
CA ALA A 237 8.47 15.51 2.49
C ALA A 237 9.16 14.22 2.82
N VAL A 238 8.84 13.62 3.99
CA VAL A 238 9.30 12.28 4.33
C VAL A 238 8.12 11.25 4.62
N ALA A 239 8.27 10.05 4.09
CA ALA A 239 7.44 8.90 4.38
C ALA A 239 8.32 7.95 5.20
N PHE A 240 7.87 7.64 6.41
CA PHE A 240 8.44 6.59 7.18
C PHE A 240 7.68 5.24 7.06
N LYS A 241 8.48 4.24 6.69
CA LYS A 241 8.21 2.81 6.69
C LYS A 241 9.23 1.93 7.41
N ARG A 242 8.85 1.35 8.57
CA ARG A 242 9.86 0.64 9.39
C ARG A 242 10.50 -0.56 8.62
N SER A 243 9.65 -1.35 7.98
CA SER A 243 10.08 -2.34 7.05
C SER A 243 9.30 -2.13 5.73
N LEU A 244 9.75 -2.85 4.72
CA LEU A 244 9.10 -2.78 3.40
C LEU A 244 8.52 -4.13 2.99
N ARG A 245 7.37 -4.05 2.30
CA ARG A 245 6.84 -5.14 1.49
C ARG A 245 6.51 -4.51 0.09
N SER A 246 6.64 -5.27 -1.00
CA SER A 246 6.52 -4.64 -2.34
C SER A 246 5.10 -4.01 -2.56
N ASP A 247 4.07 -4.53 -1.90
CA ASP A 247 2.73 -3.90 -1.92
C ASP A 247 2.60 -2.66 -1.06
N ARG A 248 3.50 -2.40 -0.12
CA ARG A 248 3.39 -1.24 0.70
C ARG A 248 4.18 -0.06 0.16
N LEU A 249 4.61 -0.10 -1.07
CA LEU A 249 5.53 0.94 -1.56
C LEU A 249 4.82 2.12 -2.16
N TYR A 250 3.56 1.95 -2.50
CA TYR A 250 2.89 2.81 -3.51
C TYR A 250 2.27 4.08 -2.93
N GLN A 251 1.86 4.11 -1.64
CA GLN A 251 1.29 5.37 -1.10
C GLN A 251 2.25 6.56 -1.22
N PRO A 252 3.54 6.38 -0.86
CA PRO A 252 4.39 7.58 -1.01
C PRO A 252 4.64 7.95 -2.51
N LEU A 253 4.69 6.93 -3.35
CA LEU A 253 4.99 7.13 -4.76
C LEU A 253 3.86 7.89 -5.45
N TYR A 254 2.63 7.50 -5.14
CA TYR A 254 1.45 8.17 -5.62
C TYR A 254 1.35 9.55 -5.05
N GLU A 255 1.50 9.67 -3.73
CA GLU A 255 1.35 11.02 -3.20
C GLU A 255 2.39 12.01 -3.72
N ALA A 256 3.65 11.55 -3.89
CA ALA A 256 4.74 12.38 -4.34
C ALA A 256 4.40 12.92 -5.74
N ASN A 257 3.87 12.05 -6.60
CA ASN A 257 3.34 12.42 -7.94
C ASN A 257 2.24 13.44 -7.85
N VAL A 258 1.43 13.42 -6.76
CA VAL A 258 0.30 14.38 -6.70
C VAL A 258 0.85 15.70 -6.21
N MET A 259 1.86 15.65 -5.35
CA MET A 259 2.43 16.88 -4.82
C MET A 259 3.17 17.57 -5.98
N GLN A 260 3.84 16.81 -6.80
CA GLN A 260 4.56 17.35 -7.95
C GLN A 260 3.66 17.95 -8.99
N LEU A 261 2.64 17.24 -9.40
CA LEU A 261 1.60 17.80 -10.24
C LEU A 261 1.01 19.11 -9.70
N LEU A 262 0.56 19.13 -8.44
CA LEU A 262 -0.08 20.34 -7.94
C LEU A 262 0.93 21.49 -7.63
N LEU A 263 2.03 21.19 -6.92
CA LEU A 263 3.02 22.24 -6.54
C LEU A 263 3.88 22.82 -7.72
N GLU A 264 4.37 21.97 -8.60
CA GLU A 264 5.21 22.38 -9.70
C GLU A 264 4.37 22.72 -10.90
N GLY A 265 3.40 21.88 -11.20
CA GLY A 265 2.57 22.12 -12.39
C GLY A 265 1.54 23.22 -12.25
N LYS A 266 0.93 23.39 -11.09
CA LYS A 266 -0.14 24.40 -10.98
C LYS A 266 0.24 25.60 -10.14
N LEU A 267 1.31 25.51 -9.38
CA LEU A 267 1.64 26.60 -8.48
C LEU A 267 3.05 27.13 -8.67
N GLY A 268 3.81 26.61 -9.63
CA GLY A 268 5.12 27.23 -10.03
C GLY A 268 6.31 26.93 -9.13
N ALA A 269 6.17 25.98 -8.21
CA ALA A 269 7.24 25.65 -7.26
C ALA A 269 8.32 24.87 -7.95
N PRO A 270 9.56 24.95 -7.46
CA PRO A 270 10.63 24.07 -7.92
C PRO A 270 10.42 22.60 -7.55
N LYS A 271 11.32 21.73 -8.02
CA LYS A 271 11.28 20.28 -7.82
C LYS A 271 10.88 19.95 -6.33
N VAL A 272 9.85 19.16 -6.14
CA VAL A 272 9.40 18.74 -4.80
C VAL A 272 10.23 17.57 -4.30
N GLU A 273 10.95 17.80 -3.23
CA GLU A 273 11.84 16.81 -2.66
C GLU A 273 11.02 15.91 -1.70
N PHE A 274 10.92 14.61 -2.02
CA PHE A 274 10.14 13.63 -1.29
C PHE A 274 10.97 12.38 -1.15
N GLU A 275 11.17 11.90 0.09
CA GLU A 275 11.99 10.72 0.31
C GLU A 275 11.34 9.74 1.29
N VAL A 276 11.79 8.48 1.27
CA VAL A 276 11.24 7.44 2.12
C VAL A 276 12.33 6.92 2.99
N HIS A 277 12.01 6.60 4.27
CA HIS A 277 13.04 6.08 5.18
C HIS A 277 12.52 4.75 5.66
N THR A 278 13.35 3.72 5.56
CA THR A 278 13.13 2.43 6.19
C THR A 278 14.29 1.82 6.94
N LEU A 279 14.01 0.94 7.90
CA LEU A 279 15.06 0.20 8.61
C LEU A 279 15.33 -1.19 7.98
N ALA A 280 14.38 -1.67 7.16
CA ALA A 280 14.43 -3.02 6.61
C ALA A 280 13.86 -3.06 5.17
N PRO A 281 14.70 -2.78 4.17
CA PRO A 281 14.12 -2.79 2.81
C PRO A 281 13.86 -4.20 2.19
N GLU A 282 14.25 -5.29 2.88
CA GLU A 282 14.02 -6.68 2.36
C GLU A 282 14.28 -6.84 0.83
N GLY A 283 15.53 -6.62 0.44
CA GLY A 283 15.94 -6.80 -0.96
C GLY A 283 16.25 -5.51 -1.69
N THR A 284 16.28 -5.57 -3.01
CA THR A 284 16.70 -4.44 -3.79
C THR A 284 15.63 -3.93 -4.74
N ASN A 285 14.52 -4.66 -4.89
CA ASN A 285 13.51 -4.22 -5.86
C ASN A 285 12.88 -2.89 -5.45
N ALA A 286 12.70 -2.66 -4.15
CA ALA A 286 12.27 -1.32 -3.64
C ALA A 286 13.07 -0.15 -4.21
N PHE A 287 14.41 -0.25 -4.24
CA PHE A 287 15.23 0.85 -4.79
C PHE A 287 14.90 1.06 -6.31
N VAL A 288 14.69 -0.04 -7.03
CA VAL A 288 14.29 0.04 -8.46
C VAL A 288 12.93 0.69 -8.65
N THR A 289 11.96 0.26 -7.84
CA THR A 289 10.61 0.88 -7.84
C THR A 289 10.63 2.38 -7.65
N TYR A 290 11.52 2.89 -6.79
CA TYR A 290 11.57 4.30 -6.53
C TYR A 290 12.52 5.12 -7.47
N GLU A 291 12.96 4.52 -8.54
CA GLU A 291 13.63 5.30 -9.62
C GLU A 291 12.69 5.79 -10.66
N ALA A 292 11.39 5.51 -10.48
CA ALA A 292 10.34 6.01 -11.36
C ALA A 292 10.30 7.52 -11.49
N ALA A 293 10.18 7.90 -12.78
CA ALA A 293 9.99 9.26 -13.14
C ALA A 293 8.61 9.73 -12.72
N SER A 294 8.57 10.98 -12.29
CA SER A 294 7.37 11.73 -12.04
C SER A 294 6.50 11.84 -13.28
N LEU A 295 5.23 11.43 -13.14
CA LEU A 295 4.36 11.23 -14.29
C LEU A 295 4.02 12.54 -15.01
N TYR A 296 3.84 13.61 -14.25
CA TYR A 296 3.38 14.85 -14.82
C TYR A 296 4.37 15.46 -15.81
N GLY A 297 5.64 15.40 -15.44
CA GLY A 297 6.75 15.76 -16.25
C GLY A 297 6.96 14.94 -17.51
N LEU A 298 6.51 13.70 -17.50
CA LEU A 298 6.52 12.93 -18.76
C LEU A 298 5.55 13.46 -19.86
N ALA A 299 4.61 14.32 -19.55
CA ALA A 299 3.84 14.96 -20.65
C ALA A 299 4.57 16.18 -21.23
N GLU A 300 4.70 16.17 -22.56
CA GLU A 300 5.32 17.27 -23.30
C GLU A 300 4.81 18.68 -22.87
N GLY A 301 5.74 19.58 -22.47
CA GLY A 301 5.38 20.97 -22.14
C GLY A 301 4.76 21.18 -20.77
N ARG A 302 5.16 20.35 -19.81
CA ARG A 302 4.79 20.54 -18.41
C ARG A 302 6.05 20.93 -17.55
N SER A 303 6.07 20.53 -16.26
CA SER A 303 7.14 20.86 -15.31
C SER A 303 8.39 20.01 -15.60
N ALA A 304 9.49 20.22 -14.88
CA ALA A 304 10.73 19.42 -15.17
C ALA A 304 10.56 17.90 -15.04
N VAL A 305 11.52 17.18 -15.64
CA VAL A 305 11.62 15.71 -15.61
C VAL A 305 12.60 15.15 -14.55
N HIS A 306 12.08 14.44 -13.56
CA HIS A 306 12.92 13.97 -12.43
C HIS A 306 12.17 12.87 -11.70
N ARG A 307 12.85 12.18 -10.79
CA ARG A 307 12.18 11.16 -9.95
C ARG A 307 11.02 11.74 -9.11
N ALA A 308 9.94 11.00 -9.00
CA ALA A 308 8.88 11.28 -8.01
C ALA A 308 9.46 11.21 -6.62
N ILE A 309 10.12 10.11 -6.34
CA ILE A 309 10.82 9.95 -5.05
C ILE A 309 12.28 10.11 -5.22
N ARG A 310 12.91 11.09 -4.55
CA ARG A 310 14.37 11.32 -4.67
C ARG A 310 15.32 10.21 -4.17
N GLU A 311 14.90 9.51 -3.08
CA GLU A 311 15.79 8.54 -2.48
C GLU A 311 15.05 7.67 -1.43
N LEU A 312 15.46 6.41 -1.34
CA LEU A 312 15.08 5.47 -0.27
C LEU A 312 16.26 5.37 0.62
N TYR A 313 16.15 5.87 1.85
CA TYR A 313 17.25 5.99 2.77
C TYR A 313 17.07 4.95 3.94
N VAL A 314 18.14 4.26 4.32
CA VAL A 314 18.15 3.24 5.42
C VAL A 314 19.15 3.73 6.47
N PRO A 315 18.71 4.50 7.47
CA PRO A 315 19.60 5.13 8.42
C PRO A 315 20.27 4.11 9.28
N PRO A 316 21.61 4.12 9.34
CA PRO A 316 22.22 3.06 10.12
C PRO A 316 22.15 3.36 11.56
N THR A 317 22.24 4.66 11.90
CA THR A 317 22.31 5.17 13.28
C THR A 317 21.53 6.49 13.35
N ALA A 318 21.16 6.87 14.56
CA ALA A 318 20.60 8.25 14.78
C ALA A 318 21.48 9.39 14.31
N ALA A 319 22.78 9.29 14.63
CA ALA A 319 23.71 10.33 14.24
C ALA A 319 23.72 10.51 12.75
N ASP A 320 23.51 9.41 11.99
CA ASP A 320 23.54 9.46 10.53
C ASP A 320 22.33 10.17 9.97
N LEU A 321 21.19 9.94 10.59
CA LEU A 321 19.91 10.64 10.20
C LEU A 321 20.09 12.19 10.43
N ALA A 322 20.56 12.51 11.62
CA ALA A 322 20.94 13.90 11.95
C ALA A 322 21.88 14.50 10.87
N ARG A 323 22.99 13.79 10.58
CA ARG A 323 23.94 14.23 9.60
C ARG A 323 23.36 14.46 8.21
N ARG A 324 22.57 13.49 7.73
CA ARG A 324 21.90 13.63 6.44
C ARG A 324 20.98 14.85 6.41
N PHE A 325 20.23 15.06 7.46
CA PHE A 325 19.31 16.23 7.45
C PHE A 325 20.09 17.61 7.46
N PHE A 326 21.22 17.67 8.18
CA PHE A 326 21.98 18.92 8.26
C PHE A 326 22.55 19.27 6.88
N ALA A 327 22.99 18.23 6.17
CA ALA A 327 23.60 18.33 4.85
C ALA A 327 22.53 18.65 3.86
N PHE A 328 21.37 18.04 4.01
CA PHE A 328 20.24 18.45 3.16
C PHE A 328 19.89 19.93 3.41
N LEU A 329 19.84 20.37 4.67
CA LEU A 329 19.52 21.79 4.88
C LEU A 329 20.60 22.70 4.24
N ASN A 330 21.87 22.35 4.51
CA ASN A 330 22.97 23.10 3.96
C ASN A 330 22.81 23.36 2.46
N GLU A 331 22.28 22.41 1.71
CA GLU A 331 22.10 22.59 0.27
C GLU A 331 20.75 23.20 -0.16
N ARG A 332 19.63 22.67 0.34
CA ARG A 332 18.33 23.12 -0.17
C ARG A 332 18.01 24.60 0.19
N MET A 333 18.58 25.09 1.30
CA MET A 333 18.32 26.46 1.75
C MET A 333 19.12 27.54 0.95
N GLU A 334 20.06 27.11 0.11
CA GLU A 334 20.67 27.97 -0.94
C GLU A 334 19.58 28.66 -1.72
N LEU A 335 18.58 27.89 -2.16
CA LEU A 335 17.43 28.42 -2.91
C LEU A 335 16.63 29.58 -2.22
N VAL A 336 16.89 29.83 -0.94
CA VAL A 336 16.19 30.90 -0.20
C VAL A 336 17.15 32.08 0.04
N ASN A 337 16.68 33.29 -0.28
CA ASN A 337 17.46 34.50 -0.03
C ASN A 337 17.58 34.80 1.44
N GLY A 338 18.80 35.10 1.88
CA GLY A 338 19.08 35.38 3.30
C GLY A 338 19.20 36.85 3.70
N PRO B 1 -16.12 -31.13 1.09
CA PRO B 1 -17.03 -30.39 0.21
C PRO B 1 -17.30 -28.95 0.75
N PHE B 2 -18.23 -28.24 0.13
CA PHE B 2 -18.55 -26.85 0.51
C PHE B 2 -19.06 -26.80 1.94
N THR B 3 -20.02 -27.65 2.25
CA THR B 3 -20.43 -27.87 3.65
C THR B 3 -19.47 -28.84 4.25
N TYR B 4 -18.83 -28.51 5.36
CA TYR B 4 -17.87 -29.44 5.98
C TYR B 4 -18.52 -30.82 6.13
N SER B 5 -17.69 -31.86 6.03
CA SER B 5 -18.07 -33.25 6.20
C SER B 5 -16.98 -33.96 6.96
N ILE B 6 -17.31 -34.44 8.17
CA ILE B 6 -16.42 -35.32 8.93
C ILE B 6 -15.89 -36.53 8.12
N GLU B 7 -16.78 -37.26 7.44
CA GLU B 7 -16.37 -38.40 6.64
C GLU B 7 -15.42 -38.00 5.50
N ALA B 8 -15.76 -36.94 4.77
CA ALA B 8 -14.93 -36.55 3.62
C ALA B 8 -13.51 -36.17 4.08
N THR B 9 -13.44 -35.64 5.30
CA THR B 9 -12.18 -35.23 5.91
C THR B 9 -11.33 -36.45 6.37
N ARG B 10 -12.02 -37.43 6.97
CA ARG B 10 -11.43 -38.77 7.24
C ARG B 10 -10.88 -39.40 5.98
N ASN B 11 -11.60 -39.33 4.87
CA ASN B 11 -11.11 -39.82 3.58
C ASN B 11 -9.91 -39.17 2.97
N LEU B 12 -9.51 -38.00 3.45
CA LEU B 12 -8.32 -37.32 2.90
C LEU B 12 -7.05 -38.11 3.26
N ALA B 13 -6.10 -38.19 2.34
CA ALA B 13 -4.74 -38.68 2.68
C ALA B 13 -4.04 -37.55 3.44
N THR B 14 -3.04 -37.88 4.27
CA THR B 14 -2.39 -36.87 5.11
C THR B 14 -1.85 -35.67 4.31
N THR B 15 -1.33 -35.89 3.10
CA THR B 15 -0.87 -34.79 2.24
C THR B 15 -1.97 -33.91 1.58
N GLU B 16 -3.24 -34.31 1.64
CA GLU B 16 -4.33 -33.52 1.06
C GLU B 16 -5.11 -32.76 2.17
N ARG B 17 -4.71 -32.96 3.41
CA ARG B 17 -5.39 -32.37 4.52
C ARG B 17 -5.14 -30.85 4.52
N CYS B 18 -6.17 -30.11 4.90
CA CYS B 18 -6.17 -28.64 5.02
C CYS B 18 -5.23 -28.05 6.06
N ILE B 19 -5.09 -28.69 7.23
CA ILE B 19 -4.07 -28.30 8.20
C ILE B 19 -2.85 -29.28 8.06
N GLN B 20 -1.62 -28.75 7.91
CA GLN B 20 -0.41 -29.53 7.88
C GLN B 20 0.34 -29.23 9.15
N ASP B 21 0.43 -30.23 10.02
CA ASP B 21 1.17 -30.11 11.27
C ASP B 21 2.65 -30.04 10.95
N ILE B 22 3.33 -28.95 11.29
CA ILE B 22 4.80 -28.88 11.12
C ILE B 22 5.55 -28.69 12.44
N ARG B 23 4.96 -29.02 13.57
CA ARG B 23 5.66 -28.96 14.86
C ARG B 23 7.06 -29.58 14.89
N ASN B 24 7.26 -30.75 14.29
CA ASN B 24 8.59 -31.35 14.14
C ASN B 24 9.15 -31.28 12.73
N ALA B 25 8.79 -30.27 11.98
CA ALA B 25 9.56 -29.97 10.78
C ALA B 25 9.49 -28.49 10.63
N PRO B 26 9.98 -27.74 11.64
CA PRO B 26 9.80 -26.28 11.71
C PRO B 26 10.38 -25.58 10.51
N VAL B 27 10.02 -24.30 10.29
CA VAL B 27 10.66 -23.51 9.19
C VAL B 27 11.74 -22.65 9.82
N ARG B 28 12.93 -22.66 9.22
CA ARG B 28 14.04 -21.92 9.79
C ARG B 28 13.53 -20.52 10.02
N ASN B 29 13.60 -20.08 11.27
CA ASN B 29 13.33 -18.72 11.69
C ASN B 29 11.85 -18.33 11.63
N ARG B 30 10.95 -19.31 11.72
CA ARG B 30 9.53 -19.04 11.97
C ARG B 30 9.05 -19.91 13.11
N SER B 31 8.15 -19.35 13.92
CA SER B 31 7.50 -20.11 14.96
C SER B 31 6.21 -20.88 14.52
N THR B 32 5.85 -20.86 13.21
CA THR B 32 4.66 -21.59 12.73
C THR B 32 4.53 -23.03 13.22
N GLN B 33 3.40 -23.41 13.79
CA GLN B 33 3.24 -24.81 14.16
C GLN B 33 2.36 -25.64 13.27
N PHE B 34 1.36 -24.98 12.65
CA PHE B 34 0.43 -25.58 11.74
C PHE B 34 0.33 -24.67 10.47
N GLN B 35 0.47 -25.22 9.27
CA GLN B 35 0.26 -24.43 8.00
C GLN B 35 -1.12 -24.63 7.44
N LEU B 36 -1.65 -23.57 6.87
CA LEU B 36 -2.94 -23.63 6.23
C LEU B 36 -2.66 -23.93 4.79
N ALA B 37 -3.06 -25.12 4.34
CA ALA B 37 -2.66 -25.63 3.05
C ALA B 37 -3.72 -25.12 2.06
N GLN B 38 -3.48 -23.91 1.61
CA GLN B 38 -4.38 -23.17 0.75
C GLN B 38 -4.92 -23.99 -0.43
N GLN B 39 -4.06 -24.69 -1.12
CA GLN B 39 -4.41 -25.44 -2.33
C GLN B 39 -5.28 -26.65 -1.96
N ASN B 40 -4.96 -27.29 -0.83
CA ASN B 40 -5.78 -28.37 -0.28
C ASN B 40 -7.18 -27.88 0.07
N MET B 41 -7.24 -26.68 0.60
CA MET B 41 -8.41 -26.04 1.10
C MET B 41 -9.34 -25.68 -0.05
N LEU B 42 -8.79 -25.16 -1.16
CA LEU B 42 -9.59 -24.94 -2.34
C LEU B 42 -10.18 -26.22 -2.95
N ALA B 43 -9.35 -27.25 -3.03
CA ALA B 43 -9.78 -28.56 -3.51
C ALA B 43 -10.88 -29.16 -2.64
N TYR B 44 -10.76 -29.08 -1.32
CA TYR B 44 -11.82 -29.64 -0.46
C TYR B 44 -13.15 -28.82 -0.47
N THR B 45 -13.09 -27.52 -0.23
CA THR B 45 -14.27 -26.70 -0.19
C THR B 45 -14.87 -26.43 -1.62
N PHE B 46 -14.03 -26.18 -2.60
CA PHE B 46 -14.54 -25.89 -4.02
C PHE B 46 -14.26 -26.98 -5.09
N GLY B 47 -13.90 -28.17 -4.64
CA GLY B 47 -13.64 -29.36 -5.49
C GLY B 47 -14.68 -29.64 -6.55
N GLU B 48 -15.92 -29.44 -6.22
CA GLU B 48 -17.01 -29.62 -7.25
C GLU B 48 -17.99 -28.46 -7.26
N VAL B 49 -17.57 -27.31 -6.74
CA VAL B 49 -18.36 -26.07 -6.76
C VAL B 49 -17.57 -24.83 -7.30
N ILE B 50 -17.99 -24.28 -8.43
CA ILE B 50 -17.65 -22.89 -8.79
C ILE B 50 -18.86 -21.96 -8.47
N PRO B 51 -18.69 -21.05 -7.49
CA PRO B 51 -19.80 -20.19 -7.11
C PRO B 51 -20.31 -19.37 -8.30
N GLY B 52 -21.63 -19.20 -8.39
CA GLY B 52 -22.22 -18.57 -9.62
C GLY B 52 -22.62 -19.57 -10.71
N PHE B 53 -21.97 -20.75 -10.71
CA PHE B 53 -22.27 -21.83 -11.67
C PHE B 53 -22.63 -23.11 -10.95
N ALA B 54 -23.00 -22.98 -9.68
CA ALA B 54 -23.37 -24.10 -8.83
C ALA B 54 -24.89 -24.02 -8.51
N SER B 55 -25.30 -24.45 -7.32
CA SER B 55 -26.67 -24.41 -6.87
C SER B 55 -27.11 -23.00 -6.61
N ALA B 56 -28.45 -22.80 -6.70
CA ALA B 56 -29.06 -21.50 -6.51
C ALA B 56 -28.67 -20.95 -5.16
N GLY B 57 -28.68 -21.80 -4.14
CA GLY B 57 -28.33 -21.33 -2.81
C GLY B 57 -26.89 -20.81 -2.66
N ILE B 58 -25.92 -21.51 -3.26
CA ILE B 58 -24.53 -21.04 -3.25
C ILE B 58 -24.33 -19.76 -4.12
N ASN B 59 -24.97 -19.75 -5.28
CA ASN B 59 -24.89 -18.60 -6.22
C ASN B 59 -25.42 -17.33 -5.59
N GLY B 60 -26.52 -17.45 -4.85
CA GLY B 60 -27.13 -16.30 -4.17
C GLY B 60 -26.67 -15.93 -2.75
N MET B 61 -25.69 -16.64 -2.21
CA MET B 61 -25.33 -16.40 -0.84
C MET B 61 -24.35 -15.22 -0.75
N ASP B 62 -24.37 -14.54 0.39
CA ASP B 62 -23.37 -13.45 0.70
C ASP B 62 -21.97 -13.91 0.29
N TYR B 63 -21.41 -13.22 -0.71
CA TYR B 63 -20.18 -13.63 -1.23
C TYR B 63 -19.07 -13.70 -0.15
N ARG B 64 -19.15 -12.93 0.90
CA ARG B 64 -18.18 -12.98 1.99
C ARG B 64 -18.16 -14.33 2.76
N ASP B 65 -19.31 -14.97 2.87
CA ASP B 65 -19.51 -16.25 3.59
C ASP B 65 -18.95 -17.36 2.70
N VAL B 66 -19.09 -17.18 1.37
CA VAL B 66 -18.49 -18.07 0.38
C VAL B 66 -16.93 -18.02 0.43
N ILE B 67 -16.37 -16.82 0.35
CA ILE B 67 -14.94 -16.65 0.31
C ILE B 67 -14.33 -17.06 1.67
N GLY B 68 -15.11 -16.93 2.71
CA GLY B 68 -14.76 -17.38 4.05
C GLY B 68 -14.89 -18.84 4.42
N ARG B 69 -15.54 -19.66 3.58
CA ARG B 69 -15.78 -21.03 3.89
C ARG B 69 -14.46 -21.91 3.99
N PRO B 70 -13.54 -21.79 3.05
CA PRO B 70 -12.25 -22.51 3.15
C PRO B 70 -11.51 -22.39 4.51
N VAL B 71 -11.30 -21.18 5.04
CA VAL B 71 -10.65 -20.99 6.28
C VAL B 71 -11.51 -21.63 7.40
N GLU B 72 -12.84 -21.44 7.34
CA GLU B 72 -13.76 -21.94 8.35
C GLU B 72 -13.75 -23.49 8.35
N ASN B 73 -13.88 -24.10 7.19
CA ASN B 73 -13.59 -25.51 7.04
C ASN B 73 -12.18 -25.93 7.62
N ALA B 74 -11.14 -25.15 7.36
CA ALA B 74 -9.79 -25.57 7.77
C ALA B 74 -9.65 -25.51 9.28
N VAL B 75 -10.31 -24.52 9.93
CA VAL B 75 -10.27 -24.39 11.40
C VAL B 75 -11.04 -25.51 12.11
N THR B 76 -12.18 -25.90 11.55
CA THR B 76 -12.89 -27.10 11.99
C THR B 76 -12.07 -28.38 11.82
N GLU B 77 -11.47 -28.59 10.66
CA GLU B 77 -10.49 -29.67 10.56
C GLU B 77 -9.35 -29.60 11.61
N GLY B 78 -8.76 -28.44 11.85
CA GLY B 78 -7.62 -28.38 12.75
C GLY B 78 -8.07 -28.66 14.18
N THR B 79 -9.29 -28.24 14.49
CA THR B 79 -9.81 -28.40 15.84
C THR B 79 -10.12 -29.85 16.18
N HIS B 80 -10.61 -30.58 15.16
CA HIS B 80 -10.84 -32.03 15.21
C HIS B 80 -9.54 -32.80 15.45
N PHE B 81 -8.53 -32.56 14.64
CA PHE B 81 -7.30 -33.35 14.79
C PHE B 81 -6.48 -32.98 15.99
N PHE B 82 -6.47 -31.70 16.36
CA PHE B 82 -5.50 -31.24 17.35
C PHE B 82 -6.11 -30.54 18.57
N ARG B 83 -7.41 -30.28 18.54
CA ARG B 83 -8.11 -29.74 19.70
C ARG B 83 -7.37 -28.53 20.31
N ASP B 84 -7.18 -28.50 21.63
CA ASP B 84 -6.56 -27.34 22.28
C ASP B 84 -5.15 -26.91 21.80
N ASP B 85 -4.39 -27.80 21.16
CA ASP B 85 -3.08 -27.42 20.60
C ASP B 85 -3.17 -26.61 19.27
N PHE B 86 -4.30 -26.68 18.59
CA PHE B 86 -4.44 -26.03 17.27
C PHE B 86 -4.35 -24.51 17.40
N ARG B 87 -3.33 -23.90 16.79
CA ARG B 87 -3.28 -22.44 16.65
C ARG B 87 -2.63 -21.99 15.32
N VAL B 88 -3.12 -20.86 14.81
CA VAL B 88 -2.66 -20.26 13.56
C VAL B 88 -2.63 -18.76 13.78
N ASP B 89 -1.54 -18.08 13.43
CA ASP B 89 -1.50 -16.60 13.46
C ASP B 89 -2.58 -15.99 12.53
N SER B 90 -3.16 -14.85 12.92
CA SER B 90 -4.11 -14.12 12.07
C SER B 90 -3.46 -13.71 10.71
N ASN B 91 -2.12 -13.61 10.68
CA ASN B 91 -1.46 -13.27 9.39
C ASN B 91 -1.40 -14.44 8.42
N ALA B 92 -1.59 -15.67 8.90
CA ALA B 92 -1.79 -16.82 8.01
C ALA B 92 -3.24 -16.79 7.45
N LYS B 93 -4.22 -16.53 8.28
CA LYS B 93 -5.60 -16.37 7.80
C LYS B 93 -5.73 -15.21 6.79
N ALA B 94 -4.95 -14.17 6.98
CA ALA B 94 -4.99 -12.97 6.16
C ALA B 94 -4.48 -13.31 4.78
N LYS B 95 -3.25 -13.85 4.69
CA LYS B 95 -2.62 -14.30 3.46
C LYS B 95 -3.47 -15.25 2.63
N VAL B 96 -3.97 -16.25 3.30
CA VAL B 96 -4.75 -17.28 2.66
C VAL B 96 -6.13 -16.73 2.23
N ALA B 97 -6.79 -15.86 3.01
CA ALA B 97 -8.13 -15.37 2.60
C ALA B 97 -7.89 -14.49 1.32
N GLY B 98 -6.71 -13.87 1.23
CA GLY B 98 -6.44 -12.99 0.08
C GLY B 98 -6.39 -13.76 -1.20
N ASP B 99 -5.55 -14.80 -1.16
CA ASP B 99 -5.34 -15.65 -2.28
C ASP B 99 -6.64 -16.36 -2.63
N ILE B 100 -7.41 -16.80 -1.62
CA ILE B 100 -8.70 -17.40 -1.89
C ILE B 100 -9.72 -16.49 -2.61
N PHE B 101 -9.83 -15.23 -2.20
CA PHE B 101 -10.70 -14.25 -2.82
C PHE B 101 -10.32 -14.09 -4.32
N GLU B 102 -9.02 -13.97 -4.56
CA GLU B 102 -8.49 -13.83 -5.93
C GLU B 102 -8.74 -15.07 -6.82
N ILE B 103 -8.45 -16.26 -6.29
CA ILE B 103 -8.44 -17.46 -7.12
C ILE B 103 -9.89 -17.83 -7.44
N VAL B 104 -10.77 -17.70 -6.45
CA VAL B 104 -12.17 -18.05 -6.62
C VAL B 104 -12.89 -17.04 -7.49
N SER B 105 -12.62 -15.77 -7.32
CA SER B 105 -13.24 -14.80 -8.21
C SER B 105 -12.82 -14.95 -9.67
N SER B 106 -11.53 -15.23 -9.81
CA SER B 106 -10.91 -15.48 -11.11
C SER B 106 -11.50 -16.73 -11.78
N ALA B 107 -11.82 -17.77 -10.99
CA ALA B 107 -12.49 -18.96 -11.50
C ALA B 107 -13.95 -18.72 -11.91
N VAL B 108 -14.72 -17.90 -11.18
CA VAL B 108 -16.05 -17.46 -11.61
C VAL B 108 -15.95 -16.80 -13.01
N MET B 109 -15.02 -15.86 -13.13
CA MET B 109 -14.81 -15.09 -14.38
C MET B 109 -14.35 -16.00 -15.52
N TRP B 110 -13.55 -17.01 -15.22
CA TRP B 110 -13.14 -17.99 -16.20
C TRP B 110 -14.39 -18.72 -16.78
N ASN B 111 -15.24 -19.22 -15.91
CA ASN B 111 -16.46 -19.86 -16.42
C ASN B 111 -17.38 -18.90 -17.17
N CYS B 112 -17.42 -17.61 -16.82
CA CYS B 112 -18.17 -16.62 -17.63
C CYS B 112 -17.57 -16.54 -19.04
N ALA B 113 -16.23 -16.50 -19.12
CA ALA B 113 -15.50 -16.43 -20.43
C ALA B 113 -15.79 -17.62 -21.33
N ALA B 114 -15.86 -18.80 -20.71
CA ALA B 114 -16.16 -20.03 -21.41
C ALA B 114 -17.63 -20.05 -21.94
N ARG B 115 -18.58 -19.59 -21.15
CA ARG B 115 -19.97 -19.53 -21.62
C ARG B 115 -20.07 -18.51 -22.76
N TRP B 116 -19.42 -17.38 -22.54
CA TRP B 116 -19.34 -16.27 -23.49
C TRP B 116 -18.73 -16.71 -24.84
N ASN B 117 -17.58 -17.37 -24.77
CA ASN B 117 -16.86 -17.84 -25.93
C ASN B 117 -17.70 -18.92 -26.68
N SER B 118 -18.31 -19.83 -25.92
CA SER B 118 -19.17 -20.83 -26.52
C SER B 118 -20.29 -20.22 -27.37
N LEU B 119 -20.89 -19.12 -26.91
CA LEU B 119 -21.89 -18.38 -27.67
C LEU B 119 -21.25 -17.79 -28.92
N MET B 120 -20.07 -17.19 -28.74
CA MET B 120 -19.50 -16.41 -29.81
C MET B 120 -19.15 -17.24 -31.04
N VAL B 121 -18.80 -18.51 -30.85
CA VAL B 121 -18.45 -19.40 -31.96
C VAL B 121 -19.64 -20.24 -32.44
N GLY B 122 -20.86 -19.82 -32.11
CA GLY B 122 -22.04 -20.42 -32.71
C GLY B 122 -22.75 -21.48 -31.93
N GLU B 123 -22.37 -21.74 -30.67
CA GLU B 123 -22.99 -22.86 -29.96
C GLU B 123 -24.17 -22.51 -29.08
N GLY B 124 -24.71 -21.30 -29.20
CA GLY B 124 -25.83 -20.87 -28.36
C GLY B 124 -25.46 -20.60 -26.86
N TRP B 125 -26.49 -20.39 -26.04
CA TRP B 125 -26.33 -19.89 -24.67
C TRP B 125 -26.69 -20.96 -23.66
N ARG B 126 -25.69 -21.53 -23.00
CA ARG B 126 -25.96 -22.50 -21.92
C ARG B 126 -26.88 -21.87 -20.91
N SER B 127 -27.87 -22.62 -20.44
CA SER B 127 -28.97 -21.99 -19.71
C SER B 127 -29.05 -22.37 -18.23
N GLN B 128 -28.18 -23.25 -17.72
CA GLN B 128 -28.13 -23.51 -16.27
C GLN B 128 -26.75 -23.21 -15.64
N PRO B 129 -26.70 -22.34 -14.60
CA PRO B 129 -27.77 -21.53 -14.11
C PRO B 129 -28.15 -20.47 -15.15
N ARG B 130 -29.24 -19.76 -14.85
CA ARG B 130 -29.82 -18.77 -15.73
C ARG B 130 -29.19 -17.41 -15.65
N TYR B 131 -28.77 -16.92 -16.81
CA TYR B 131 -28.27 -15.57 -16.92
C TYR B 131 -28.81 -15.04 -18.23
N SER B 132 -28.97 -13.74 -18.31
CA SER B 132 -29.36 -13.05 -19.53
C SER B 132 -28.46 -13.41 -20.69
N ARG B 133 -29.09 -13.81 -21.80
CA ARG B 133 -28.39 -13.97 -23.08
C ARG B 133 -27.87 -12.61 -23.54
N PRO B 134 -26.55 -12.46 -23.79
CA PRO B 134 -26.04 -11.27 -24.47
C PRO B 134 -26.74 -10.96 -25.84
N THR B 135 -26.82 -9.69 -26.21
CA THR B 135 -27.55 -9.27 -27.44
C THR B 135 -26.58 -8.76 -28.51
N LEU B 136 -25.29 -8.85 -28.21
CA LEU B 136 -24.23 -8.56 -29.14
C LEU B 136 -24.14 -9.72 -30.15
N SER B 137 -23.90 -9.37 -31.42
CA SER B 137 -23.73 -10.38 -32.48
C SER B 137 -22.50 -11.26 -32.26
N PRO B 138 -22.72 -12.56 -32.10
CA PRO B 138 -21.66 -13.57 -31.98
C PRO B 138 -20.60 -13.44 -33.09
N SER B 139 -19.33 -13.59 -32.73
CA SER B 139 -18.28 -13.75 -33.71
C SER B 139 -17.11 -14.38 -32.99
N PRO B 140 -16.48 -15.39 -33.61
CA PRO B 140 -15.27 -15.95 -33.04
C PRO B 140 -14.24 -14.92 -32.65
N ARG B 141 -14.19 -13.78 -33.35
CA ARG B 141 -13.22 -12.72 -33.06
C ARG B 141 -13.47 -11.97 -31.74
N ARG B 142 -14.67 -12.11 -31.17
CA ARG B 142 -15.07 -11.51 -29.91
C ARG B 142 -14.93 -12.42 -28.67
N GLN B 143 -14.10 -13.43 -28.75
CA GLN B 143 -13.88 -14.30 -27.61
C GLN B 143 -12.77 -13.65 -26.74
N VAL B 144 -12.67 -14.09 -25.48
CA VAL B 144 -11.73 -13.50 -24.54
C VAL B 144 -11.09 -14.55 -23.65
N ALA B 145 -9.95 -14.19 -23.05
CA ALA B 145 -9.23 -15.08 -22.17
C ALA B 145 -9.15 -14.36 -20.82
N VAL B 146 -9.42 -15.09 -19.72
CA VAL B 146 -9.35 -14.58 -18.34
C VAL B 146 -8.05 -15.15 -17.75
N LEU B 147 -7.13 -14.26 -17.40
CA LEU B 147 -5.74 -14.61 -17.01
C LEU B 147 -5.52 -14.18 -15.56
N ASN B 148 -5.55 -15.14 -14.64
CA ASN B 148 -5.20 -14.82 -13.29
C ASN B 148 -3.64 -14.73 -13.31
N LEU B 149 -3.11 -13.59 -13.00
CA LEU B 149 -1.68 -13.34 -13.25
C LEU B 149 -0.88 -13.75 -12.03
N PRO B 150 0.38 -14.19 -12.21
CA PRO B 150 1.06 -14.66 -11.00
C PRO B 150 1.54 -13.56 -10.08
N ARG B 151 1.81 -14.00 -8.84
CA ARG B 151 2.15 -13.14 -7.76
C ARG B 151 3.10 -12.10 -8.21
N SER B 152 4.23 -12.54 -8.77
CA SER B 152 5.18 -11.66 -9.37
C SER B 152 5.08 -11.71 -10.92
N PHE B 153 4.84 -10.58 -11.55
CA PHE B 153 4.63 -10.56 -12.97
C PHE B 153 4.81 -9.15 -13.44
N ASP B 154 5.02 -9.03 -14.74
CA ASP B 154 5.16 -7.74 -15.38
C ASP B 154 4.22 -7.82 -16.58
N TRP B 155 3.17 -7.02 -16.56
CA TRP B 155 2.09 -7.12 -17.54
C TRP B 155 2.58 -6.83 -18.99
N VAL B 156 3.69 -6.10 -19.12
CA VAL B 156 4.30 -5.77 -20.44
C VAL B 156 4.63 -7.07 -21.23
N SER B 157 4.92 -8.15 -20.50
CA SER B 157 5.25 -9.40 -21.15
C SER B 157 4.08 -10.06 -21.85
N LEU B 158 2.85 -9.57 -21.66
CA LEU B 158 1.72 -10.08 -22.42
C LEU B 158 1.79 -9.53 -23.88
N LEU B 159 2.46 -8.40 -24.06
CA LEU B 159 2.35 -7.67 -25.38
C LEU B 159 3.10 -8.36 -26.50
N VAL B 160 2.56 -8.34 -27.73
CA VAL B 160 3.38 -8.68 -28.96
C VAL B 160 4.75 -8.02 -28.91
N PRO B 161 5.80 -8.66 -29.47
CA PRO B 161 7.14 -8.03 -29.29
C PRO B 161 7.32 -6.62 -29.83
N GLU B 162 6.61 -6.22 -30.86
CA GLU B 162 6.82 -4.90 -31.44
C GLU B 162 6.43 -3.82 -30.43
N SER B 163 5.40 -4.13 -29.65
CA SER B 163 4.94 -3.20 -28.62
C SER B 163 5.89 -3.18 -27.43
N GLN B 164 6.46 -4.32 -27.07
CA GLN B 164 7.51 -4.34 -26.02
C GLN B 164 8.70 -3.46 -26.42
N GLU B 165 8.93 -3.36 -27.73
CA GLU B 165 10.09 -2.60 -28.25
C GLU B 165 9.85 -1.12 -28.18
N VAL B 166 8.63 -0.69 -28.49
CA VAL B 166 8.28 0.70 -28.29
C VAL B 166 8.45 1.09 -26.80
N ILE B 167 8.07 0.20 -25.88
CA ILE B 167 8.24 0.52 -24.44
C ILE B 167 9.70 0.53 -24.06
N GLU B 168 10.49 -0.43 -24.55
CA GLU B 168 11.92 -0.50 -24.25
C GLU B 168 12.67 0.76 -24.69
N GLU B 169 12.36 1.22 -25.89
CA GLU B 169 12.98 2.41 -26.43
C GLU B 169 12.67 3.65 -25.58
N PHE B 170 11.42 3.75 -25.10
CA PHE B 170 11.01 4.81 -24.19
C PHE B 170 11.86 4.78 -22.93
N ARG B 171 12.02 3.61 -22.31
CA ARG B 171 12.79 3.52 -21.06
C ARG B 171 14.31 3.77 -21.27
N ALA B 172 14.86 3.25 -22.38
CA ALA B 172 16.25 3.55 -22.83
C ALA B 172 16.57 5.03 -22.66
N GLY B 173 15.66 5.86 -23.17
CA GLY B 173 15.77 7.31 -23.10
C GLY B 173 15.75 7.87 -21.67
N LEU B 174 14.91 7.27 -20.83
CA LEU B 174 14.80 7.70 -19.45
C LEU B 174 16.02 7.31 -18.66
N ARG B 175 16.61 6.17 -18.99
CA ARG B 175 17.84 5.69 -18.35
C ARG B 175 19.02 6.67 -18.48
N LYS B 176 19.14 7.33 -19.62
CA LYS B 176 20.23 8.30 -19.85
C LYS B 176 20.18 9.49 -18.87
N ASP B 177 18.99 9.77 -18.31
CA ASP B 177 18.86 10.75 -17.25
C ASP B 177 18.73 10.12 -15.83
N GLY B 178 19.07 8.85 -15.68
CA GLY B 178 18.93 8.16 -14.36
C GLY B 178 17.52 7.94 -13.79
N LEU B 179 16.55 7.84 -14.70
CA LEU B 179 15.13 7.63 -14.37
C LEU B 179 14.70 6.28 -14.93
N GLY B 180 13.59 5.75 -14.46
CA GLY B 180 13.00 4.54 -15.03
C GLY B 180 11.49 4.73 -15.15
N LEU B 181 10.77 3.73 -15.65
CA LEU B 181 9.28 3.64 -15.48
C LEU B 181 8.87 2.20 -15.32
N PRO B 182 9.13 1.64 -14.12
CA PRO B 182 8.76 0.24 -13.95
C PRO B 182 7.27 -0.03 -14.02
N THR B 183 6.98 -1.24 -14.50
CA THR B 183 5.64 -1.80 -14.56
C THR B 183 5.61 -3.09 -13.71
N SER B 184 4.54 -3.23 -12.95
CA SER B 184 4.29 -4.44 -12.19
C SER B 184 3.07 -5.18 -12.79
N THR B 185 1.97 -5.36 -12.05
CA THR B 185 0.86 -6.17 -12.58
C THR B 185 -0.46 -5.97 -11.85
N PRO B 186 -1.59 -6.09 -12.58
CA PRO B 186 -2.83 -6.27 -11.85
C PRO B 186 -2.90 -7.70 -11.36
N ASP B 187 -4.00 -8.06 -10.68
CA ASP B 187 -4.19 -9.42 -10.23
C ASP B 187 -4.64 -10.28 -11.37
N LEU B 188 -5.39 -9.69 -12.32
CA LEU B 188 -6.06 -10.39 -13.35
C LEU B 188 -6.22 -9.46 -14.59
N ALA B 189 -6.01 -10.00 -15.78
CA ALA B 189 -6.34 -9.28 -17.06
C ALA B 189 -7.33 -10.13 -17.89
N VAL B 190 -8.32 -9.51 -18.49
CA VAL B 190 -9.13 -10.16 -19.50
C VAL B 190 -8.57 -9.62 -20.85
N VAL B 191 -8.25 -10.48 -21.79
CA VAL B 191 -7.76 -10.01 -23.10
C VAL B 191 -8.54 -10.67 -24.22
N VAL B 192 -8.59 -10.02 -25.41
CA VAL B 192 -9.24 -10.61 -26.56
C VAL B 192 -8.43 -11.83 -26.89
N LEU B 193 -9.08 -12.94 -27.16
CA LEU B 193 -8.33 -14.15 -27.49
C LEU B 193 -7.61 -13.91 -28.86
N PRO B 194 -6.27 -14.11 -28.92
CA PRO B 194 -5.50 -14.05 -30.16
C PRO B 194 -6.07 -15.01 -31.24
N GLU B 195 -5.98 -14.54 -32.48
CA GLU B 195 -6.63 -15.19 -33.61
C GLU B 195 -6.20 -16.64 -33.77
N GLU B 196 -4.93 -16.89 -33.57
CA GLU B 196 -4.41 -18.25 -33.69
C GLU B 196 -5.12 -19.23 -32.74
N PHE B 197 -5.87 -18.72 -31.76
CA PHE B 197 -6.46 -19.60 -30.69
C PHE B 197 -7.94 -19.71 -30.77
N GLN B 198 -8.53 -19.09 -31.79
CA GLN B 198 -9.97 -18.97 -31.81
C GLN B 198 -10.72 -20.24 -32.18
N ASN B 199 -10.02 -21.28 -32.60
CA ASN B 199 -10.63 -22.65 -32.65
C ASN B 199 -10.24 -23.58 -31.54
N ASP B 200 -9.48 -23.14 -30.55
CA ASP B 200 -9.12 -24.08 -29.46
C ASP B 200 -10.26 -24.25 -28.44
N GLU B 201 -10.60 -25.49 -28.12
CA GLU B 201 -11.72 -25.79 -27.23
C GLU B 201 -11.53 -25.35 -25.76
N MET B 202 -10.30 -25.35 -25.26
CA MET B 202 -10.08 -25.13 -23.82
C MET B 202 -10.73 -23.81 -23.29
N TRP B 203 -10.86 -22.83 -24.18
CA TRP B 203 -11.30 -21.52 -23.82
C TRP B 203 -12.85 -21.45 -23.74
N ARG B 204 -13.51 -22.55 -24.09
CA ARG B 204 -14.95 -22.61 -24.12
C ARG B 204 -15.48 -23.61 -23.12
N GLU B 205 -14.62 -24.24 -22.36
CA GLU B 205 -15.04 -25.30 -21.42
C GLU B 205 -15.12 -24.79 -19.98
N GLU B 206 -16.28 -24.93 -19.38
CA GLU B 206 -16.49 -24.52 -17.99
C GLU B 206 -15.90 -25.57 -17.08
N ILE B 207 -15.11 -25.18 -16.09
CA ILE B 207 -14.65 -26.16 -15.10
C ILE B 207 -15.72 -26.47 -14.07
N ALA B 208 -15.66 -27.65 -13.48
CA ALA B 208 -16.67 -28.09 -12.52
C ALA B 208 -16.28 -27.78 -11.09
N GLY B 209 -15.03 -27.37 -10.86
CA GLY B 209 -14.58 -27.04 -9.49
C GLY B 209 -13.10 -26.83 -9.43
N LEU B 210 -12.60 -26.32 -8.31
CA LEU B 210 -11.16 -26.07 -8.10
C LEU B 210 -10.36 -27.29 -7.60
N THR B 211 -10.50 -28.41 -8.31
CA THR B 211 -9.55 -29.52 -8.24
C THR B 211 -8.11 -29.02 -8.53
N ARG B 212 -7.13 -29.68 -7.92
CA ARG B 212 -5.75 -29.29 -8.19
C ARG B 212 -5.45 -29.15 -9.72
N PRO B 213 -5.87 -30.09 -10.60
CA PRO B 213 -5.67 -29.80 -12.06
C PRO B 213 -6.31 -28.56 -12.65
N ASN B 214 -7.53 -28.20 -12.22
CA ASN B 214 -8.15 -26.96 -12.64
C ASN B 214 -7.48 -25.73 -12.07
N GLN B 215 -7.11 -25.75 -10.81
CA GLN B 215 -6.21 -24.66 -10.29
C GLN B 215 -5.03 -24.37 -11.24
N ILE B 216 -4.36 -25.44 -11.72
CA ILE B 216 -3.11 -25.30 -12.50
C ILE B 216 -3.46 -24.80 -13.95
N LEU B 217 -4.51 -25.37 -14.52
CA LEU B 217 -4.98 -24.92 -15.83
C LEU B 217 -5.30 -23.44 -15.80
N LEU B 218 -6.08 -23.01 -14.80
CA LEU B 218 -6.36 -21.57 -14.59
C LEU B 218 -5.13 -20.69 -14.23
N SER B 219 -4.25 -21.16 -13.36
CA SER B 219 -3.08 -20.34 -12.94
C SER B 219 -1.98 -20.29 -13.96
N GLY B 220 -1.90 -21.28 -14.84
CA GLY B 220 -0.89 -21.31 -15.90
C GLY B 220 -1.29 -20.67 -17.23
N ALA B 221 -2.52 -20.21 -17.37
CA ALA B 221 -3.05 -19.71 -18.65
C ALA B 221 -2.34 -18.56 -19.29
N TYR B 222 -1.89 -17.60 -18.46
CA TYR B 222 -1.10 -16.47 -18.93
C TYR B 222 0.13 -16.87 -19.78
N GLN B 223 0.78 -17.98 -19.44
CA GLN B 223 1.97 -18.44 -20.19
C GLN B 223 1.62 -18.69 -21.64
N ARG B 224 0.37 -19.03 -21.90
CA ARG B 224 -0.03 -19.30 -23.27
C ARG B 224 -0.21 -18.02 -24.11
N LEU B 225 -0.48 -16.89 -23.46
CA LEU B 225 -0.78 -15.64 -24.15
C LEU B 225 0.42 -14.72 -24.20
N GLN B 226 1.42 -14.99 -23.38
CA GLN B 226 2.58 -14.10 -23.31
C GLN B 226 3.15 -13.94 -24.71
N GLY B 227 3.43 -12.73 -25.13
CA GLY B 227 3.91 -12.49 -26.47
C GLY B 227 2.85 -12.29 -27.53
N ARG B 228 1.57 -12.48 -27.20
CA ARG B 228 0.55 -12.52 -28.27
C ARG B 228 -0.57 -11.47 -28.25
N VAL B 229 -0.52 -10.51 -27.35
CA VAL B 229 -1.66 -9.63 -27.15
C VAL B 229 -1.36 -8.23 -27.68
N GLN B 230 -2.25 -7.70 -28.50
CA GLN B 230 -2.06 -6.33 -28.99
C GLN B 230 -2.46 -5.36 -27.85
N PRO B 231 -1.79 -4.21 -27.77
CA PRO B 231 -2.07 -3.15 -26.78
C PRO B 231 -3.58 -2.84 -26.58
N GLY B 232 -4.30 -2.67 -27.69
CA GLY B 232 -5.77 -2.48 -27.62
C GLY B 232 -6.65 -3.65 -27.15
N GLU B 233 -6.09 -4.85 -27.04
CA GLU B 233 -6.85 -6.02 -26.77
C GLU B 233 -6.76 -6.41 -25.25
N ILE B 234 -6.15 -5.57 -24.42
CA ILE B 234 -6.23 -5.76 -22.92
C ILE B 234 -7.49 -5.09 -22.47
N SER B 235 -8.55 -5.84 -22.33
CA SER B 235 -9.88 -5.26 -22.18
C SER B 235 -10.35 -4.85 -20.75
N LEU B 236 -9.82 -5.52 -19.73
CA LEU B 236 -10.18 -5.19 -18.34
C LEU B 236 -9.05 -5.64 -17.43
N ALA B 237 -8.60 -4.73 -16.56
CA ALA B 237 -7.71 -5.11 -15.47
C ALA B 237 -8.49 -5.11 -14.15
N VAL B 238 -8.15 -6.03 -13.26
CA VAL B 238 -8.86 -6.19 -11.97
C VAL B 238 -7.77 -6.35 -10.85
N ALA B 239 -7.85 -5.53 -9.82
CA ALA B 239 -7.16 -5.84 -8.52
C ALA B 239 -8.15 -6.35 -7.55
N PHE B 240 -7.77 -7.34 -6.78
CA PHE B 240 -8.65 -7.94 -5.75
C PHE B 240 -8.03 -7.65 -4.41
N LYS B 241 -8.84 -7.09 -3.51
CA LYS B 241 -8.49 -6.78 -2.13
C LYS B 241 -9.61 -7.19 -1.15
N ARG B 242 -9.41 -8.28 -0.48
CA ARG B 242 -10.52 -8.79 0.38
C ARG B 242 -11.15 -7.74 1.26
N SER B 243 -10.33 -6.99 1.94
CA SER B 243 -10.81 -5.79 2.64
C SER B 243 -9.91 -4.64 2.28
N LEU B 244 -10.35 -3.43 2.58
CA LEU B 244 -9.52 -2.22 2.45
C LEU B 244 -9.05 -1.64 3.76
N ARG B 245 -7.89 -1.03 3.70
CA ARG B 245 -7.44 -0.01 4.62
C ARG B 245 -6.99 1.16 3.71
N SER B 246 -7.08 2.41 4.19
CA SER B 246 -6.69 3.60 3.39
C SER B 246 -5.23 3.61 2.89
N ASP B 247 -4.32 3.01 3.63
CA ASP B 247 -2.98 2.90 3.12
C ASP B 247 -2.77 1.73 2.20
N ARG B 248 -3.73 0.83 1.96
CA ARG B 248 -3.45 -0.24 1.03
C ARG B 248 -4.16 0.04 -0.32
N LEU B 249 -4.66 1.21 -0.56
CA LEU B 249 -5.45 1.50 -1.86
C LEU B 249 -4.61 1.90 -3.04
N TYR B 250 -3.34 2.15 -2.77
CA TYR B 250 -2.49 2.87 -3.71
C TYR B 250 -1.83 2.06 -4.80
N GLN B 251 -1.53 0.79 -4.54
CA GLN B 251 -0.91 0.02 -5.62
C GLN B 251 -1.75 0.03 -6.92
N PRO B 252 -3.09 -0.19 -6.81
CA PRO B 252 -3.86 -0.27 -8.08
C PRO B 252 -3.98 1.03 -8.80
N LEU B 253 -4.05 2.08 -8.00
CA LEU B 253 -4.17 3.43 -8.47
C LEU B 253 -2.89 3.82 -9.20
N TYR B 254 -1.73 3.64 -8.58
CA TYR B 254 -0.50 3.87 -9.30
C TYR B 254 -0.36 3.02 -10.62
N GLU B 255 -0.52 1.71 -10.52
CA GLU B 255 -0.38 0.83 -11.68
C GLU B 255 -1.32 1.14 -12.85
N ALA B 256 -2.57 1.47 -12.52
CA ALA B 256 -3.53 1.94 -13.46
C ALA B 256 -2.99 3.17 -14.22
N ASN B 257 -2.45 4.16 -13.47
CA ASN B 257 -1.84 5.33 -14.10
C ASN B 257 -0.71 5.02 -15.11
N VAL B 258 0.20 4.15 -14.71
CA VAL B 258 1.27 3.65 -15.55
C VAL B 258 0.76 2.88 -16.79
N MET B 259 -0.25 2.05 -16.58
CA MET B 259 -0.91 1.37 -17.68
C MET B 259 -1.51 2.36 -18.68
N GLN B 260 -2.00 3.50 -18.22
CA GLN B 260 -2.62 4.44 -19.09
C GLN B 260 -1.60 5.26 -19.92
N LEU B 261 -0.65 5.88 -19.22
CA LEU B 261 0.53 6.44 -19.85
C LEU B 261 1.11 5.51 -20.95
N LEU B 262 1.41 4.25 -20.66
CA LEU B 262 2.04 3.38 -21.66
C LEU B 262 1.09 2.85 -22.79
N LEU B 263 -0.01 2.25 -22.42
CA LEU B 263 -0.95 1.68 -23.40
C LEU B 263 -1.67 2.73 -24.28
N GLU B 264 -2.22 3.77 -23.66
CA GLU B 264 -2.89 4.84 -24.38
C GLU B 264 -1.88 5.84 -24.93
N GLY B 265 -0.99 6.36 -24.09
CA GLY B 265 -0.10 7.45 -24.50
C GLY B 265 0.97 7.02 -25.48
N LYS B 266 1.64 5.91 -25.18
CA LYS B 266 2.74 5.42 -26.02
C LYS B 266 2.37 4.36 -27.05
N LEU B 267 1.23 3.69 -26.94
CA LEU B 267 0.87 2.65 -27.91
C LEU B 267 -0.49 2.84 -28.60
N GLY B 268 -1.14 3.97 -28.41
CA GLY B 268 -2.36 4.26 -29.13
C GLY B 268 -3.58 3.53 -28.69
N ALA B 269 -3.53 2.78 -27.58
CA ALA B 269 -4.72 2.11 -27.09
C ALA B 269 -5.87 3.05 -26.70
N PRO B 270 -7.10 2.57 -26.88
CA PRO B 270 -8.22 3.22 -26.23
C PRO B 270 -8.22 3.05 -24.67
N LYS B 271 -9.05 3.84 -24.01
CA LYS B 271 -9.31 3.85 -22.55
C LYS B 271 -9.01 2.48 -21.92
N VAL B 272 -8.02 2.45 -21.03
CA VAL B 272 -7.70 1.24 -20.31
C VAL B 272 -8.69 1.15 -19.12
N GLU B 273 -9.35 0.02 -19.02
CA GLU B 273 -10.37 -0.17 -18.02
C GLU B 273 -9.73 -0.98 -16.86
N PHE B 274 -9.64 -0.36 -15.69
CA PHE B 274 -9.04 -1.02 -14.50
C PHE B 274 -10.00 -0.75 -13.39
N GLU B 275 -10.31 -1.83 -12.66
CA GLU B 275 -11.26 -1.76 -11.54
C GLU B 275 -10.74 -2.54 -10.33
N VAL B 276 -11.33 -2.29 -9.19
CA VAL B 276 -10.87 -2.91 -7.91
C VAL B 276 -12.05 -3.59 -7.28
N HIS B 277 -11.89 -4.82 -6.80
CA HIS B 277 -13.01 -5.52 -6.17
C HIS B 277 -12.64 -5.75 -4.69
N THR B 278 -13.55 -5.47 -3.79
CA THR B 278 -13.38 -5.74 -2.36
C THR B 278 -14.60 -6.37 -1.73
N LEU B 279 -14.44 -7.03 -0.59
CA LEU B 279 -15.62 -7.44 0.17
C LEU B 279 -15.91 -6.55 1.41
N ALA B 280 -14.96 -5.73 1.84
CA ALA B 280 -15.09 -4.92 3.02
C ALA B 280 -14.43 -3.57 2.80
N PRO B 281 -15.17 -2.62 2.20
CA PRO B 281 -14.65 -1.28 1.92
C PRO B 281 -14.64 -0.40 3.13
N GLU B 282 -15.61 -0.65 4.00
CA GLU B 282 -16.03 0.30 5.02
C GLU B 282 -14.90 0.54 6.02
N GLY B 283 -15.00 1.71 6.66
CA GLY B 283 -13.97 2.25 7.57
C GLY B 283 -13.10 3.24 6.82
N THR B 284 -13.27 3.26 5.48
CA THR B 284 -12.47 4.06 4.52
C THR B 284 -13.36 4.92 3.63
N ASN B 285 -12.86 6.07 3.13
CA ASN B 285 -13.54 6.75 2.01
C ASN B 285 -12.82 6.40 0.73
N ALA B 286 -12.75 5.10 0.52
CA ALA B 286 -12.16 4.51 -0.64
C ALA B 286 -12.88 4.91 -1.92
N PHE B 287 -14.20 5.09 -1.87
CA PHE B 287 -14.93 5.41 -3.12
C PHE B 287 -14.48 6.77 -3.60
N VAL B 288 -14.30 7.69 -2.66
CA VAL B 288 -13.71 9.00 -2.91
C VAL B 288 -12.25 8.95 -3.43
N THR B 289 -11.37 8.20 -2.80
CA THR B 289 -10.01 8.03 -3.34
C THR B 289 -10.00 7.53 -4.80
N TYR B 290 -10.93 6.65 -5.18
CA TYR B 290 -10.85 6.06 -6.47
C TYR B 290 -11.61 6.88 -7.56
N GLU B 291 -12.03 8.09 -7.23
CA GLU B 291 -12.57 9.04 -8.21
C GLU B 291 -11.47 9.84 -8.89
N ALA B 292 -10.21 9.68 -8.45
CA ALA B 292 -9.09 10.45 -8.96
C ALA B 292 -8.99 10.40 -10.50
N ALA B 293 -8.74 11.56 -11.10
CA ALA B 293 -8.35 11.61 -12.55
C ALA B 293 -7.01 10.94 -12.80
N SER B 294 -6.90 10.24 -13.92
CA SER B 294 -5.59 9.91 -14.47
C SER B 294 -4.60 11.11 -14.40
N LEU B 295 -3.37 10.85 -13.94
CA LEU B 295 -2.41 11.91 -13.73
C LEU B 295 -1.85 12.24 -15.10
N TYR B 296 -1.60 11.18 -15.88
N TYR B 296 -1.66 11.24 -15.94
CA TYR B 296 -1.22 11.21 -17.32
CA TYR B 296 -1.13 11.45 -17.31
C TYR B 296 -2.24 12.05 -18.06
C TYR B 296 -2.24 11.85 -18.28
N GLY B 297 -3.50 11.67 -17.88
CA GLY B 297 -4.65 12.32 -18.56
C GLY B 297 -4.61 13.81 -18.29
N LEU B 298 -4.56 14.17 -17.03
CA LEU B 298 -4.26 15.55 -16.66
C LEU B 298 -2.95 16.13 -17.30
N ALA B 299 -1.83 15.41 -17.30
CA ALA B 299 -0.60 15.96 -17.77
C ALA B 299 -0.69 16.30 -19.29
N GLU B 300 -1.32 15.44 -20.08
CA GLU B 300 -1.51 15.67 -21.55
C GLU B 300 -2.60 16.74 -21.81
N GLY B 301 -3.68 16.70 -21.02
CA GLY B 301 -4.74 17.72 -21.05
C GLY B 301 -5.53 17.64 -22.34
N ARG B 302 -5.88 16.41 -22.72
CA ARG B 302 -6.62 16.13 -23.95
C ARG B 302 -8.08 16.48 -23.72
N SER B 303 -8.92 16.23 -24.73
CA SER B 303 -10.33 16.60 -24.68
C SER B 303 -11.15 15.88 -23.59
N ALA B 304 -10.86 14.63 -23.33
CA ALA B 304 -11.57 13.90 -22.29
C ALA B 304 -10.51 13.30 -21.36
N VAL B 305 -10.65 13.57 -20.09
CA VAL B 305 -9.79 12.96 -19.11
C VAL B 305 -10.69 11.94 -18.43
N HIS B 306 -10.19 10.72 -18.29
CA HIS B 306 -10.87 9.68 -17.54
C HIS B 306 -10.22 9.43 -16.16
N ARG B 307 -10.96 8.71 -15.33
CA ARG B 307 -10.44 8.22 -14.07
C ARG B 307 -9.38 7.18 -14.28
N ALA B 308 -8.43 7.10 -13.36
CA ALA B 308 -7.50 5.98 -13.42
C ALA B 308 -8.22 4.64 -13.12
N ILE B 309 -9.08 4.67 -12.09
CA ILE B 309 -9.82 3.52 -11.65
C ILE B 309 -11.27 3.75 -11.95
N ARG B 310 -11.86 2.84 -12.70
CA ARG B 310 -13.18 3.04 -13.32
C ARG B 310 -14.23 2.80 -12.28
N GLU B 311 -13.95 1.90 -11.29
CA GLU B 311 -14.94 1.66 -10.28
C GLU B 311 -14.35 0.81 -9.14
N LEU B 312 -14.92 1.00 -7.98
CA LEU B 312 -14.71 0.11 -6.78
C LEU B 312 -15.93 -0.69 -6.63
N TYR B 313 -15.88 -1.97 -7.02
CA TYR B 313 -17.03 -2.85 -7.04
C TYR B 313 -16.99 -3.71 -5.76
N VAL B 314 -18.09 -3.87 -5.09
CA VAL B 314 -18.20 -4.77 -3.83
C VAL B 314 -19.22 -5.89 -4.17
N PRO B 315 -18.75 -7.06 -4.61
CA PRO B 315 -19.72 -8.09 -5.11
C PRO B 315 -20.55 -8.69 -3.97
N PRO B 316 -21.89 -8.62 -4.07
CA PRO B 316 -22.63 -9.11 -2.91
C PRO B 316 -22.80 -10.67 -2.89
N THR B 317 -22.75 -11.26 -4.08
CA THR B 317 -22.96 -12.69 -4.40
C THR B 317 -22.19 -13.08 -5.64
N ALA B 318 -21.97 -14.38 -5.79
CA ALA B 318 -21.25 -14.83 -6.92
C ALA B 318 -22.02 -14.59 -8.22
N ALA B 319 -23.36 -14.75 -8.18
CA ALA B 319 -24.25 -14.43 -9.31
C ALA B 319 -24.08 -13.02 -9.75
N ASP B 320 -24.02 -12.09 -8.78
CA ASP B 320 -23.77 -10.71 -9.10
C ASP B 320 -22.45 -10.50 -9.80
N LEU B 321 -21.41 -11.12 -9.28
CA LEU B 321 -20.15 -11.01 -9.99
C LEU B 321 -20.29 -11.44 -11.48
N ALA B 322 -20.89 -12.62 -11.68
CA ALA B 322 -21.08 -13.15 -13.03
C ALA B 322 -21.91 -12.24 -13.92
N ARG B 323 -23.08 -11.77 -13.42
CA ARG B 323 -23.93 -10.88 -14.18
C ARG B 323 -23.19 -9.60 -14.59
N ARG B 324 -22.42 -9.02 -13.64
CA ARG B 324 -21.65 -7.84 -13.97
C ARG B 324 -20.61 -8.08 -15.08
N PHE B 325 -19.86 -9.17 -15.00
CA PHE B 325 -18.92 -9.47 -16.06
C PHE B 325 -19.60 -9.73 -17.44
N PHE B 326 -20.69 -10.51 -17.48
CA PHE B 326 -21.42 -10.62 -18.75
C PHE B 326 -21.86 -9.27 -19.35
N ALA B 327 -22.42 -8.37 -18.52
CA ALA B 327 -22.85 -7.08 -19.01
C ALA B 327 -21.67 -6.24 -19.53
N PHE B 328 -20.52 -6.36 -18.85
CA PHE B 328 -19.29 -5.72 -19.29
C PHE B 328 -18.79 -6.23 -20.67
N LEU B 329 -18.78 -7.55 -20.86
CA LEU B 329 -18.38 -8.12 -22.12
C LEU B 329 -19.30 -7.69 -23.21
N ASN B 330 -20.59 -7.75 -22.94
CA ASN B 330 -21.61 -7.36 -23.90
C ASN B 330 -21.43 -5.95 -24.43
N GLU B 331 -21.09 -5.01 -23.55
CA GLU B 331 -20.79 -3.64 -23.96
C GLU B 331 -19.37 -3.47 -24.56
N ARG B 332 -18.32 -3.88 -23.84
CA ARG B 332 -16.92 -3.69 -24.33
C ARG B 332 -16.59 -4.40 -25.67
N MET B 333 -17.21 -5.53 -25.97
CA MET B 333 -16.83 -6.26 -27.18
C MET B 333 -17.49 -5.71 -28.49
N GLU B 334 -18.49 -4.84 -28.37
CA GLU B 334 -19.01 -4.06 -29.51
C GLU B 334 -17.83 -3.51 -30.29
N LEU B 335 -16.93 -2.87 -29.56
CA LEU B 335 -15.72 -2.27 -30.07
C LEU B 335 -14.79 -3.23 -30.85
N VAL B 336 -14.93 -4.53 -30.67
CA VAL B 336 -14.12 -5.44 -31.48
C VAL B 336 -14.91 -5.85 -32.72
N ASN B 337 -14.27 -5.69 -33.88
CA ASN B 337 -14.96 -5.81 -35.15
C ASN B 337 -15.26 -7.30 -35.37
N GLY B 338 -16.52 -7.63 -35.64
CA GLY B 338 -16.95 -9.01 -35.79
C GLY B 338 -16.41 -9.76 -37.01
MG MG G . 4.50 5.91 7.24
MG MG H . 3.08 11.81 10.74
MG MG I . -4.67 -8.19 -4.57
MG MG J . -3.16 -12.73 -9.65
MG MG K . -1.35 -9.11 -6.96
MG MG L . 1.06 8.57 7.62
#